data_2K7D
#
_entry.id   2K7D
#
loop_
_entity.id
_entity.type
_entity.pdbx_description
1 polymer 'Calcium-binding protein 1'
2 non-polymer 'CALCIUM ION'
#
_entity_poly.entity_id   1
_entity_poly.type   'polypeptide(L)'
_entity_poly.pdbx_seq_one_letter_code
;ADMIGVKELRDAFREFDTNGDGEISTSELREAMRKLLGHQVGHRDIEEIIRDVDLNGDGRVDFEEFVRMMSR
;
_entity_poly.pdbx_strand_id   A
#
loop_
_chem_comp.id
_chem_comp.type
_chem_comp.name
_chem_comp.formula
CA non-polymer 'CALCIUM ION' 'Ca 2'
#
# COMPACT_ATOMS: atom_id res chain seq x y z
N ALA A 1 -4.93 0.41 23.00
CA ALA A 1 -3.96 1.33 23.66
C ALA A 1 -3.63 2.50 22.74
N ASP A 2 -4.48 2.75 21.79
CA ASP A 2 -4.23 3.88 20.87
C ASP A 2 -5.54 4.50 20.39
N MET A 3 -5.63 5.79 20.46
CA MET A 3 -6.87 6.48 20.01
C MET A 3 -6.79 6.82 18.53
N ILE A 4 -7.77 7.54 18.06
CA ILE A 4 -7.77 7.93 16.63
C ILE A 4 -6.39 8.43 16.20
N GLY A 5 -6.09 8.25 14.95
CA GLY A 5 -4.76 8.71 14.45
C GLY A 5 -4.25 7.77 13.36
N VAL A 6 -3.64 6.69 13.77
CA VAL A 6 -3.12 5.71 12.77
C VAL A 6 -4.19 4.71 12.39
N LYS A 7 -5.22 4.65 13.18
CA LYS A 7 -6.31 3.69 12.86
C LYS A 7 -6.91 4.04 11.50
N GLU A 8 -7.19 5.30 11.27
CA GLU A 8 -7.78 5.68 9.98
C GLU A 8 -7.00 4.99 8.87
N LEU A 9 -5.70 5.04 9.01
CA LEU A 9 -4.85 4.41 8.01
C LEU A 9 -5.31 2.97 7.87
N ARG A 10 -5.62 2.35 8.98
CA ARG A 10 -6.08 0.94 8.93
C ARG A 10 -7.27 0.84 8.00
N ASP A 11 -8.14 1.83 8.09
CA ASP A 11 -9.33 1.80 7.21
C ASP A 11 -8.88 1.55 5.79
N ALA A 12 -7.97 2.37 5.34
CA ALA A 12 -7.49 2.19 3.94
C ALA A 12 -6.85 0.82 3.84
N PHE A 13 -5.88 0.59 4.70
CA PHE A 13 -5.19 -0.70 4.70
C PHE A 13 -6.20 -1.85 4.60
N ARG A 14 -7.36 -1.66 5.16
CA ARG A 14 -8.38 -2.73 5.09
C ARG A 14 -8.89 -2.86 3.66
N GLU A 15 -9.40 -1.80 3.12
CA GLU A 15 -9.91 -1.86 1.73
C GLU A 15 -8.80 -2.34 0.82
N PHE A 16 -7.60 -2.05 1.20
CA PHE A 16 -6.43 -2.48 0.40
C PHE A 16 -6.43 -4.00 0.23
N ASP A 17 -6.40 -4.67 1.34
CA ASP A 17 -6.40 -6.16 1.28
C ASP A 17 -7.79 -6.69 0.97
N THR A 18 -8.03 -6.91 -0.29
CA THR A 18 -9.37 -7.43 -0.69
C THR A 18 -9.63 -8.79 -0.06
N ASN A 19 -8.56 -9.50 0.23
CA ASN A 19 -8.72 -10.84 0.84
C ASN A 19 -8.63 -10.75 2.36
N GLY A 20 -7.46 -11.00 2.89
CA GLY A 20 -7.29 -10.95 4.37
C GLY A 20 -5.89 -11.43 4.77
N ASP A 21 -4.92 -10.57 4.61
CA ASP A 21 -3.53 -10.96 4.98
C ASP A 21 -2.80 -9.77 5.59
N GLY A 22 -3.46 -8.65 5.63
CA GLY A 22 -2.82 -7.43 6.22
C GLY A 22 -1.50 -7.12 5.51
N GLU A 23 -1.45 -7.40 4.24
CA GLU A 23 -0.20 -7.13 3.49
C GLU A 23 -0.51 -6.80 2.03
N ILE A 24 -0.15 -5.63 1.61
CA ILE A 24 -0.41 -5.24 0.21
C ILE A 24 0.74 -5.64 -0.69
N SER A 25 0.48 -6.60 -1.56
CA SER A 25 1.53 -7.06 -2.48
C SER A 25 1.34 -6.47 -3.87
N THR A 26 2.40 -6.49 -4.66
CA THR A 26 2.30 -5.92 -6.04
C THR A 26 0.95 -6.26 -6.66
N SER A 27 0.51 -7.47 -6.45
CA SER A 27 -0.79 -7.87 -7.02
C SER A 27 -1.90 -7.07 -6.37
N GLU A 28 -1.85 -6.99 -5.06
CA GLU A 28 -2.88 -6.23 -4.34
C GLU A 28 -2.69 -4.74 -4.59
N LEU A 29 -1.45 -4.33 -4.64
CA LEU A 29 -1.17 -2.91 -4.87
C LEU A 29 -1.84 -2.47 -6.16
N ARG A 30 -1.41 -3.08 -7.24
CA ARG A 30 -2.00 -2.74 -8.56
C ARG A 30 -3.50 -2.63 -8.44
N GLU A 31 -4.09 -3.60 -7.79
CA GLU A 31 -5.55 -3.56 -7.65
C GLU A 31 -5.96 -2.30 -6.91
N ALA A 32 -5.14 -1.90 -5.97
CA ALA A 32 -5.44 -0.68 -5.20
C ALA A 32 -5.26 0.53 -6.09
N MET A 33 -4.07 0.69 -6.63
CA MET A 33 -3.84 1.85 -7.50
C MET A 33 -4.84 1.86 -8.65
N ARG A 34 -5.25 0.69 -9.07
CA ARG A 34 -6.22 0.62 -10.18
C ARG A 34 -7.55 1.29 -9.82
N LYS A 35 -8.04 0.99 -8.64
CA LYS A 35 -9.33 1.59 -8.21
C LYS A 35 -9.24 3.11 -8.20
N LEU A 36 -8.06 3.62 -7.93
CA LEU A 36 -7.90 5.09 -7.89
C LEU A 36 -7.48 5.63 -9.25
N LEU A 37 -6.50 5.00 -9.84
CA LEU A 37 -6.03 5.47 -11.18
C LEU A 37 -6.83 4.79 -12.29
N GLY A 38 -6.57 3.53 -12.51
CA GLY A 38 -7.30 2.80 -13.57
C GLY A 38 -6.82 3.25 -14.96
N HIS A 39 -6.87 2.34 -15.90
CA HIS A 39 -6.44 2.69 -17.27
C HIS A 39 -4.95 3.04 -17.30
N GLN A 40 -4.47 3.44 -18.44
CA GLN A 40 -3.04 3.80 -18.54
C GLN A 40 -2.16 2.57 -18.33
N VAL A 41 -0.89 2.72 -18.62
CA VAL A 41 0.06 1.59 -18.43
C VAL A 41 1.16 1.97 -17.44
N GLY A 42 2.22 1.20 -17.44
CA GLY A 42 3.33 1.49 -16.51
C GLY A 42 3.22 0.64 -15.24
N HIS A 43 3.58 -0.61 -15.36
CA HIS A 43 3.50 -1.51 -14.18
C HIS A 43 4.79 -1.44 -13.38
N ARG A 44 5.88 -1.27 -14.08
CA ARG A 44 7.18 -1.19 -13.38
C ARG A 44 7.14 -0.11 -12.31
N ASP A 45 6.39 0.93 -12.59
CA ASP A 45 6.30 2.02 -11.60
C ASP A 45 5.64 1.54 -10.32
N ILE A 46 4.70 0.64 -10.48
CA ILE A 46 4.01 0.11 -9.29
C ILE A 46 4.99 -0.62 -8.39
N GLU A 47 5.65 -1.59 -8.94
CA GLU A 47 6.63 -2.35 -8.14
C GLU A 47 7.74 -1.41 -7.67
N GLU A 48 8.05 -0.45 -8.49
CA GLU A 48 9.12 0.50 -8.11
C GLU A 48 8.73 1.24 -6.83
N ILE A 49 7.46 1.55 -6.72
CA ILE A 49 6.99 2.26 -5.51
C ILE A 49 7.07 1.34 -4.30
N ILE A 50 6.79 0.08 -4.52
CA ILE A 50 6.84 -0.88 -3.40
C ILE A 50 8.28 -1.31 -3.12
N ARG A 51 9.15 -0.98 -4.05
CA ARG A 51 10.58 -1.36 -3.87
C ARG A 51 11.35 -0.24 -3.16
N ASP A 52 10.97 0.97 -3.43
CA ASP A 52 11.67 2.12 -2.77
C ASP A 52 10.99 2.51 -1.45
N VAL A 53 9.84 1.96 -1.19
CA VAL A 53 9.14 2.31 0.08
C VAL A 53 10.05 2.08 1.29
N ASP A 54 10.39 0.83 1.52
CA ASP A 54 11.26 0.53 2.69
C ASP A 54 11.48 -0.97 2.83
N LEU A 55 10.42 -1.73 2.59
CA LEU A 55 10.49 -3.22 2.70
C LEU A 55 11.61 -3.69 3.63
N ASN A 56 11.29 -3.83 4.88
CA ASN A 56 12.32 -4.28 5.84
C ASN A 56 12.98 -5.57 5.35
N GLY A 57 12.47 -6.08 4.25
CA GLY A 57 13.06 -7.33 3.69
C GLY A 57 11.96 -8.21 3.08
N ASP A 58 10.75 -7.69 3.06
CA ASP A 58 9.63 -8.47 2.48
C ASP A 58 9.26 -7.98 1.08
N GLY A 59 10.03 -7.05 0.58
CA GLY A 59 9.72 -6.52 -0.78
C GLY A 59 8.23 -6.27 -0.94
N ARG A 60 7.59 -5.95 0.15
CA ARG A 60 6.14 -5.69 0.08
C ARG A 60 5.73 -4.65 1.12
N VAL A 61 4.57 -4.07 0.93
CA VAL A 61 4.11 -3.05 1.90
C VAL A 61 3.22 -3.64 2.99
N ASP A 62 3.47 -3.21 4.20
CA ASP A 62 2.69 -3.69 5.36
C ASP A 62 2.16 -2.47 6.12
N PHE A 63 1.18 -2.68 6.96
CA PHE A 63 0.61 -1.53 7.73
C PHE A 63 1.72 -0.56 8.16
N GLU A 64 2.91 -1.07 8.26
CA GLU A 64 4.03 -0.19 8.67
C GLU A 64 4.51 0.60 7.45
N GLU A 65 4.96 -0.11 6.45
CA GLU A 65 5.45 0.57 5.24
C GLU A 65 4.31 1.39 4.63
N PHE A 66 3.11 0.95 4.89
CA PHE A 66 1.93 1.67 4.34
C PHE A 66 1.71 2.98 5.09
N VAL A 67 1.94 2.95 6.37
CA VAL A 67 1.75 4.18 7.17
C VAL A 67 2.82 5.21 6.82
N ARG A 68 3.97 4.75 6.43
CA ARG A 68 5.05 5.70 6.08
C ARG A 68 4.89 6.17 4.64
N MET A 69 4.13 5.42 3.87
CA MET A 69 3.94 5.83 2.45
C MET A 69 2.77 6.78 2.32
N MET A 70 1.87 6.73 3.26
CA MET A 70 0.69 7.63 3.20
C MET A 70 1.04 9.02 3.70
N SER A 71 1.66 9.08 4.84
CA SER A 71 2.03 10.40 5.40
C SER A 71 2.76 11.25 4.37
N ARG A 72 2.89 12.51 4.65
CA ARG A 72 3.59 13.41 3.69
C ARG A 72 5.10 13.28 3.83
CA CA B . -3.47 -8.97 0.86
CA CA C . 8.22 -3.24 4.01
N ALA A 1 -10.46 18.62 15.72
CA ALA A 1 -9.46 18.25 16.75
C ALA A 1 -9.65 16.80 17.18
N ASP A 2 -9.75 16.59 18.47
CA ASP A 2 -9.94 15.21 18.97
C ASP A 2 -8.68 14.38 18.74
N MET A 3 -8.23 13.73 19.78
CA MET A 3 -7.01 12.89 19.64
C MET A 3 -7.28 11.69 18.75
N ILE A 4 -7.18 11.89 17.46
CA ILE A 4 -7.44 10.77 16.53
C ILE A 4 -6.45 9.63 16.78
N GLY A 5 -6.38 8.71 15.84
CA GLY A 5 -5.43 7.57 16.00
C GLY A 5 -4.99 7.04 14.64
N VAL A 6 -3.89 6.33 14.64
CA VAL A 6 -3.38 5.76 13.36
C VAL A 6 -4.32 4.68 12.83
N LYS A 7 -5.25 4.29 13.64
CA LYS A 7 -6.19 3.25 13.18
C LYS A 7 -6.83 3.66 11.87
N GLU A 8 -7.19 4.93 11.76
CA GLU A 8 -7.82 5.38 10.49
C GLU A 8 -7.01 4.85 9.34
N LEU A 9 -5.72 5.07 9.41
CA LEU A 9 -4.86 4.58 8.34
C LEU A 9 -5.21 3.14 8.09
N ARG A 10 -5.38 2.41 9.18
CA ARG A 10 -5.74 0.98 9.05
C ARG A 10 -6.96 0.87 8.16
N ASP A 11 -7.88 1.78 8.34
CA ASP A 11 -9.10 1.74 7.52
C ASP A 11 -8.69 1.58 6.07
N ALA A 12 -7.82 2.44 5.63
CA ALA A 12 -7.37 2.33 4.22
C ALA A 12 -6.73 0.98 4.00
N PHE A 13 -5.84 0.64 4.89
CA PHE A 13 -5.15 -0.66 4.80
C PHE A 13 -6.15 -1.79 4.58
N ARG A 14 -7.27 -1.70 5.24
CA ARG A 14 -8.29 -2.77 5.08
C ARG A 14 -8.80 -2.78 3.65
N GLU A 15 -9.32 -1.68 3.20
CA GLU A 15 -9.84 -1.63 1.82
C GLU A 15 -8.73 -2.02 0.85
N PHE A 16 -7.52 -1.75 1.26
CA PHE A 16 -6.36 -2.09 0.42
C PHE A 16 -6.31 -3.59 0.17
N ASP A 17 -6.18 -4.33 1.24
CA ASP A 17 -6.11 -5.80 1.12
C ASP A 17 -7.51 -6.42 1.09
N THR A 18 -7.72 -7.30 0.15
CA THR A 18 -9.04 -7.95 0.04
C THR A 18 -8.92 -9.45 0.34
N ASN A 19 -7.73 -9.86 0.74
CA ASN A 19 -7.50 -11.30 1.06
C ASN A 19 -7.12 -11.47 2.53
N GLY A 20 -6.32 -12.48 2.79
CA GLY A 20 -5.88 -12.74 4.20
C GLY A 20 -4.35 -12.71 4.29
N ASP A 21 -3.74 -11.89 3.48
CA ASP A 21 -2.26 -11.79 3.51
C ASP A 21 -1.79 -10.83 4.59
N GLY A 22 -2.60 -9.84 4.87
CA GLY A 22 -2.22 -8.85 5.92
C GLY A 22 -1.32 -7.75 5.33
N GLU A 23 -0.99 -7.88 4.07
CA GLU A 23 -0.12 -6.86 3.44
C GLU A 23 -0.47 -6.67 1.98
N ILE A 24 -0.17 -5.51 1.46
CA ILE A 24 -0.49 -5.24 0.05
C ILE A 24 0.68 -5.66 -0.85
N SER A 25 0.43 -6.64 -1.67
CA SER A 25 1.51 -7.12 -2.58
C SER A 25 1.40 -6.47 -3.95
N THR A 26 2.49 -6.51 -4.69
CA THR A 26 2.48 -5.91 -6.05
C THR A 26 1.16 -6.15 -6.76
N SER A 27 0.78 -7.41 -6.83
CA SER A 27 -0.49 -7.73 -7.51
C SER A 27 -1.66 -7.06 -6.80
N GLU A 28 -1.68 -7.16 -5.49
CA GLU A 28 -2.78 -6.53 -4.74
C GLU A 28 -2.70 -5.02 -4.81
N LEU A 29 -1.49 -4.50 -4.85
CA LEU A 29 -1.35 -3.03 -4.93
C LEU A 29 -1.87 -2.56 -6.28
N ARG A 30 -1.23 -3.01 -7.32
CA ARG A 30 -1.67 -2.61 -8.67
C ARG A 30 -3.19 -2.65 -8.78
N GLU A 31 -3.79 -3.63 -8.16
CA GLU A 31 -5.27 -3.72 -8.22
C GLU A 31 -5.90 -2.49 -7.61
N ALA A 32 -5.50 -2.17 -6.41
CA ALA A 32 -6.06 -0.98 -5.74
C ALA A 32 -5.60 0.29 -6.45
N MET A 33 -4.43 0.21 -7.03
CA MET A 33 -3.90 1.39 -7.75
C MET A 33 -4.63 1.59 -9.07
N ARG A 34 -5.11 0.52 -9.62
CA ARG A 34 -5.84 0.61 -10.91
C ARG A 34 -7.20 1.28 -10.70
N LYS A 35 -7.87 0.87 -9.65
CA LYS A 35 -9.21 1.47 -9.38
C LYS A 35 -9.13 2.99 -9.36
N LEU A 36 -7.96 3.50 -9.04
CA LEU A 36 -7.79 4.96 -9.00
C LEU A 36 -7.34 5.49 -10.35
N LEU A 37 -6.39 4.83 -10.94
CA LEU A 37 -5.88 5.28 -12.26
C LEU A 37 -6.79 4.78 -13.38
N GLY A 38 -6.21 4.51 -14.52
CA GLY A 38 -7.04 4.01 -15.66
C GLY A 38 -6.14 3.60 -16.83
N HIS A 39 -4.90 3.99 -16.77
CA HIS A 39 -3.96 3.62 -17.86
C HIS A 39 -3.20 2.35 -17.52
N GLN A 40 -3.85 1.22 -17.70
CA GLN A 40 -3.16 -0.06 -17.41
C GLN A 40 -1.96 -0.26 -18.31
N VAL A 41 -0.90 0.44 -18.01
CA VAL A 41 0.31 0.29 -18.85
C VAL A 41 1.57 0.52 -18.02
N GLY A 42 2.56 -0.31 -18.22
CA GLY A 42 3.82 -0.15 -17.45
C GLY A 42 3.64 -0.63 -16.01
N HIS A 43 4.24 -1.75 -15.70
CA HIS A 43 4.11 -2.28 -14.32
C HIS A 43 5.23 -1.74 -13.44
N ARG A 44 6.24 -1.20 -14.06
CA ARG A 44 7.37 -0.65 -13.29
C ARG A 44 6.87 0.32 -12.21
N ASP A 45 5.88 1.10 -12.57
CA ASP A 45 5.33 2.06 -11.59
C ASP A 45 5.01 1.39 -10.26
N ILE A 46 4.00 0.57 -10.27
CA ILE A 46 3.61 -0.13 -9.01
C ILE A 46 4.83 -0.73 -8.32
N GLU A 47 5.51 -1.61 -9.00
CA GLU A 47 6.71 -2.23 -8.38
C GLU A 47 7.59 -1.17 -7.74
N GLU A 48 7.85 -0.13 -8.47
CA GLU A 48 8.71 0.94 -7.90
C GLU A 48 8.25 1.31 -6.51
N ILE A 49 6.97 1.54 -6.37
CA ILE A 49 6.44 1.90 -5.04
C ILE A 49 6.63 0.75 -4.08
N ILE A 50 6.30 -0.43 -4.53
CA ILE A 50 6.44 -1.61 -3.65
C ILE A 50 7.91 -1.81 -3.25
N ARG A 51 8.80 -1.28 -4.05
CA ARG A 51 10.25 -1.45 -3.73
C ARG A 51 10.77 -0.29 -2.86
N ASP A 52 10.85 0.88 -3.44
CA ASP A 52 11.33 2.06 -2.68
C ASP A 52 10.70 2.15 -1.30
N VAL A 53 9.67 1.38 -1.07
CA VAL A 53 9.00 1.42 0.25
C VAL A 53 9.53 0.32 1.17
N ASP A 54 10.04 -0.73 0.59
CA ASP A 54 10.58 -1.84 1.42
C ASP A 54 11.74 -1.37 2.29
N LEU A 55 11.61 -1.59 3.57
CA LEU A 55 12.68 -1.17 4.50
C LEU A 55 13.56 -2.36 4.86
N ASN A 56 13.03 -3.54 4.68
CA ASN A 56 13.80 -4.77 5.00
C ASN A 56 14.33 -5.44 3.74
N GLY A 57 13.42 -5.83 2.88
CA GLY A 57 13.85 -6.50 1.62
C GLY A 57 12.84 -7.56 1.19
N ASP A 58 11.68 -7.51 1.78
CA ASP A 58 10.64 -8.50 1.42
C ASP A 58 10.07 -8.19 0.04
N GLY A 59 9.66 -6.97 -0.15
CA GLY A 59 9.08 -6.57 -1.47
C GLY A 59 7.58 -6.29 -1.37
N ARG A 60 7.14 -5.87 -0.20
CA ARG A 60 5.69 -5.59 -0.04
C ARG A 60 5.45 -4.50 1.00
N VAL A 61 4.29 -3.92 0.94
CA VAL A 61 3.95 -2.84 1.90
C VAL A 61 3.18 -3.37 3.10
N ASP A 62 3.65 -2.99 4.28
CA ASP A 62 2.97 -3.44 5.52
C ASP A 62 2.31 -2.24 6.20
N PHE A 63 1.34 -2.50 7.06
CA PHE A 63 0.65 -1.37 7.75
C PHE A 63 1.62 -0.25 8.10
N GLU A 64 2.66 -0.57 8.82
CA GLU A 64 3.63 0.47 9.19
C GLU A 64 4.24 1.09 7.93
N GLU A 65 4.83 0.26 7.11
CA GLU A 65 5.44 0.79 5.87
C GLU A 65 4.41 1.52 5.03
N PHE A 66 3.18 1.10 5.14
CA PHE A 66 2.10 1.75 4.36
C PHE A 66 1.76 3.10 4.97
N VAL A 67 1.82 3.17 6.28
CA VAL A 67 1.51 4.45 6.95
C VAL A 67 2.63 5.45 6.75
N ARG A 68 3.84 4.95 6.70
CA ARG A 68 4.99 5.86 6.50
C ARG A 68 5.07 6.31 5.06
N MET A 69 4.56 5.48 4.17
CA MET A 69 4.60 5.86 2.74
C MET A 69 3.60 6.96 2.46
N MET A 70 2.50 6.92 3.15
CA MET A 70 1.47 7.96 2.93
C MET A 70 2.05 9.35 3.20
N SER A 71 2.93 9.43 4.15
CA SER A 71 3.54 10.74 4.48
C SER A 71 4.49 11.18 3.37
N ARG A 72 5.70 11.51 3.75
CA ARG A 72 6.69 11.94 2.73
C ARG A 72 6.72 10.97 1.56
CA CA B . -2.62 -9.50 0.14
CA CA C . 8.26 -4.64 3.82
N ALA A 1 -2.74 5.73 26.19
CA ALA A 1 -3.44 6.85 26.87
C ALA A 1 -3.78 7.97 25.90
N ASP A 2 -3.25 7.87 24.71
CA ASP A 2 -3.53 8.92 23.70
C ASP A 2 -4.77 8.57 22.89
N MET A 3 -5.41 9.59 22.36
CA MET A 3 -6.62 9.34 21.54
C MET A 3 -6.26 8.60 20.27
N ILE A 4 -6.87 7.45 20.08
CA ILE A 4 -6.57 6.68 18.85
C ILE A 4 -6.95 7.49 17.61
N GLY A 5 -6.95 6.85 16.48
CA GLY A 5 -7.31 7.58 15.23
C GLY A 5 -6.54 7.01 14.03
N VAL A 6 -5.24 6.90 14.18
CA VAL A 6 -4.42 6.36 13.07
C VAL A 6 -5.10 5.17 12.42
N LYS A 7 -5.97 4.54 13.16
CA LYS A 7 -6.67 3.38 12.58
C LYS A 7 -7.22 3.77 11.22
N GLU A 8 -7.63 5.02 11.09
CA GLU A 8 -8.18 5.44 9.79
C GLU A 8 -7.22 4.98 8.71
N LEU A 9 -5.96 5.22 8.96
CA LEU A 9 -4.95 4.80 7.99
C LEU A 9 -5.15 3.33 7.74
N ARG A 10 -5.42 2.62 8.80
CA ARG A 10 -5.64 1.16 8.67
C ARG A 10 -6.82 0.93 7.74
N ASP A 11 -7.81 1.78 7.85
CA ASP A 11 -8.99 1.62 6.97
C ASP A 11 -8.52 1.47 5.55
N ALA A 12 -7.66 2.39 5.14
CA ALA A 12 -7.15 2.30 3.76
C ALA A 12 -6.52 0.94 3.57
N PHE A 13 -5.58 0.64 4.44
CA PHE A 13 -4.88 -0.66 4.38
C PHE A 13 -5.86 -1.78 4.04
N ARG A 14 -7.02 -1.73 4.62
CA ARG A 14 -8.01 -2.80 4.35
C ARG A 14 -8.42 -2.75 2.88
N GLU A 15 -9.02 -1.67 2.47
CA GLU A 15 -9.43 -1.59 1.05
C GLU A 15 -8.24 -1.93 0.18
N PHE A 16 -7.08 -1.71 0.74
CA PHE A 16 -5.83 -2.00 0.00
C PHE A 16 -5.66 -3.50 -0.17
N ASP A 17 -5.79 -4.22 0.94
CA ASP A 17 -5.65 -5.70 0.90
C ASP A 17 -6.96 -6.38 1.28
N THR A 18 -7.67 -6.86 0.30
CA THR A 18 -8.95 -7.53 0.58
C THR A 18 -8.73 -8.79 1.40
N ASN A 19 -7.76 -9.57 1.03
CA ASN A 19 -7.48 -10.81 1.78
C ASN A 19 -7.44 -10.52 3.27
N GLY A 20 -6.84 -9.42 3.63
CA GLY A 20 -6.75 -9.07 5.06
C GLY A 20 -5.55 -9.78 5.70
N ASP A 21 -4.51 -9.93 4.94
CA ASP A 21 -3.31 -10.61 5.48
C ASP A 21 -2.54 -9.69 6.41
N GLY A 22 -1.89 -8.71 5.83
CA GLY A 22 -1.10 -7.75 6.66
C GLY A 22 -0.19 -6.90 5.78
N GLU A 23 -0.04 -7.30 4.54
CA GLU A 23 0.83 -6.51 3.62
C GLU A 23 0.33 -6.61 2.18
N ILE A 24 0.48 -5.53 1.45
CA ILE A 24 0.01 -5.54 0.03
C ILE A 24 1.17 -5.79 -0.94
N SER A 25 0.84 -6.44 -2.04
CA SER A 25 1.87 -6.74 -3.07
C SER A 25 1.49 -6.11 -4.41
N THR A 26 2.47 -5.96 -5.28
CA THR A 26 2.18 -5.36 -6.61
C THR A 26 0.85 -5.83 -7.17
N SER A 27 0.78 -7.10 -7.47
CA SER A 27 -0.49 -7.64 -8.01
C SER A 27 -1.68 -7.11 -7.21
N GLU A 28 -1.66 -7.36 -5.94
CA GLU A 28 -2.78 -6.89 -5.09
C GLU A 28 -2.91 -5.38 -5.17
N LEU A 29 -1.80 -4.70 -5.11
CA LEU A 29 -1.88 -3.23 -5.18
C LEU A 29 -2.40 -2.80 -6.54
N ARG A 30 -1.85 -3.39 -7.57
CA ARG A 30 -2.31 -3.03 -8.94
C ARG A 30 -3.83 -3.00 -8.97
N GLU A 31 -4.43 -3.94 -8.27
CA GLU A 31 -5.91 -3.98 -8.26
C GLU A 31 -6.46 -2.85 -7.40
N ALA A 32 -5.69 -2.48 -6.41
CA ALA A 32 -6.13 -1.37 -5.52
C ALA A 32 -5.92 -0.02 -6.19
N MET A 33 -5.00 0.03 -7.11
CA MET A 33 -4.73 1.30 -7.81
C MET A 33 -5.74 1.53 -8.93
N ARG A 34 -6.21 0.45 -9.50
CA ARG A 34 -7.20 0.58 -10.59
C ARG A 34 -8.60 0.88 -10.03
N LYS A 35 -8.89 0.31 -8.89
CA LYS A 35 -10.22 0.55 -8.29
C LYS A 35 -10.39 2.02 -7.92
N LEU A 36 -9.29 2.72 -7.90
CA LEU A 36 -9.35 4.18 -7.56
C LEU A 36 -9.07 5.03 -8.78
N LEU A 37 -8.05 4.66 -9.52
CA LEU A 37 -7.70 5.44 -10.74
C LEU A 37 -8.35 4.81 -11.97
N GLY A 38 -7.55 4.57 -12.98
CA GLY A 38 -8.09 3.95 -14.23
C GLY A 38 -7.52 4.65 -15.47
N HIS A 39 -6.75 5.68 -15.23
CA HIS A 39 -6.15 6.41 -16.38
C HIS A 39 -4.74 5.89 -16.68
N GLN A 40 -3.83 6.13 -15.77
CA GLN A 40 -2.45 5.66 -15.98
C GLN A 40 -2.34 4.16 -15.69
N VAL A 41 -1.28 3.56 -16.17
CA VAL A 41 -1.10 2.11 -15.93
C VAL A 41 0.38 1.75 -15.82
N GLY A 42 1.18 2.75 -15.54
CA GLY A 42 2.65 2.48 -15.40
C GLY A 42 2.89 1.29 -14.48
N HIS A 43 3.68 0.35 -14.94
CA HIS A 43 3.98 -0.83 -14.10
C HIS A 43 5.12 -0.54 -13.13
N ARG A 44 6.26 -0.22 -13.67
CA ARG A 44 7.42 0.07 -12.80
C ARG A 44 7.06 1.13 -11.76
N ASP A 45 5.99 1.84 -12.01
CA ASP A 45 5.57 2.89 -11.06
C ASP A 45 5.12 2.28 -9.72
N ILE A 46 4.00 1.61 -9.74
CA ILE A 46 3.49 1.01 -8.48
C ILE A 46 4.50 0.03 -7.88
N GLU A 47 5.08 -0.78 -8.72
CA GLU A 47 6.08 -1.77 -8.21
C GLU A 47 7.20 -1.06 -7.47
N GLU A 48 7.84 -0.13 -8.13
CA GLU A 48 8.95 0.60 -7.46
C GLU A 48 8.51 1.12 -6.10
N ILE A 49 7.29 1.59 -6.02
CA ILE A 49 6.80 2.12 -4.73
C ILE A 49 6.65 1.00 -3.71
N ILE A 50 6.38 -0.19 -4.18
CA ILE A 50 6.22 -1.33 -3.24
C ILE A 50 7.58 -1.96 -2.96
N ARG A 51 8.49 -1.81 -3.89
CA ARG A 51 9.84 -2.40 -3.69
C ARG A 51 10.76 -1.41 -3.00
N ASP A 52 10.53 -0.14 -3.21
CA ASP A 52 11.39 0.88 -2.57
C ASP A 52 11.00 1.09 -1.11
N VAL A 53 9.75 1.41 -0.88
CA VAL A 53 9.29 1.63 0.51
C VAL A 53 9.87 0.57 1.45
N ASP A 54 9.87 -0.65 1.00
CA ASP A 54 10.42 -1.73 1.84
C ASP A 54 11.73 -1.30 2.49
N LEU A 55 11.91 -1.68 3.73
CA LEU A 55 13.17 -1.30 4.44
C LEU A 55 13.66 -2.45 5.32
N ASN A 56 13.07 -3.60 5.14
CA ASN A 56 13.47 -4.78 5.95
C ASN A 56 14.28 -5.77 5.11
N GLY A 57 13.71 -6.16 4.01
CA GLY A 57 14.41 -7.13 3.11
C GLY A 57 13.40 -7.93 2.30
N ASP A 58 12.15 -7.59 2.44
CA ASP A 58 11.10 -8.31 1.69
C ASP A 58 10.76 -7.58 0.39
N GLY A 59 9.53 -7.70 -0.04
CA GLY A 59 9.15 -7.00 -1.30
C GLY A 59 7.68 -6.56 -1.24
N ARG A 60 7.22 -6.27 -0.05
CA ARG A 60 5.81 -5.83 0.10
C ARG A 60 5.69 -4.74 1.17
N VAL A 61 4.60 -4.01 1.15
CA VAL A 61 4.43 -2.93 2.15
C VAL A 61 3.61 -3.40 3.34
N ASP A 62 3.99 -2.94 4.52
CA ASP A 62 3.26 -3.34 5.76
C ASP A 62 2.60 -2.13 6.39
N PHE A 63 1.63 -2.37 7.23
CA PHE A 63 0.93 -1.24 7.88
C PHE A 63 1.94 -0.23 8.41
N GLU A 64 3.11 -0.70 8.72
CA GLU A 64 4.15 0.22 9.23
C GLU A 64 4.72 1.03 8.08
N GLU A 65 5.31 0.36 7.14
CA GLU A 65 5.89 1.09 5.99
C GLU A 65 4.79 1.87 5.28
N PHE A 66 3.60 1.33 5.32
CA PHE A 66 2.46 2.00 4.67
C PHE A 66 2.20 3.33 5.34
N VAL A 67 2.15 3.31 6.64
CA VAL A 67 1.91 4.56 7.39
C VAL A 67 3.12 5.47 7.32
N ARG A 68 4.27 4.86 7.16
CA ARG A 68 5.50 5.68 7.09
C ARG A 68 5.66 6.29 5.70
N MET A 69 5.15 5.60 4.71
CA MET A 69 5.27 6.13 3.34
C MET A 69 4.40 7.37 3.19
N MET A 70 3.26 7.34 3.83
CA MET A 70 2.36 8.51 3.74
C MET A 70 3.07 9.77 4.23
N SER A 71 3.96 9.58 5.16
CA SER A 71 4.71 10.74 5.72
C SER A 71 6.11 10.82 5.11
N ARG A 72 7.10 10.96 5.97
CA ARG A 72 8.49 11.04 5.47
C ARG A 72 8.97 9.68 4.97
CA CA B . -2.41 -8.77 0.37
CA CA C . 8.31 -4.66 3.99
N ALA A 1 -9.35 19.67 17.54
CA ALA A 1 -9.03 19.05 16.24
C ALA A 1 -8.13 17.83 16.43
N ASP A 2 -8.18 17.27 17.59
CA ASP A 2 -7.33 16.08 17.87
C ASP A 2 -7.93 14.83 17.23
N MET A 3 -7.09 13.93 16.81
CA MET A 3 -7.60 12.68 16.19
C MET A 3 -6.47 11.67 15.99
N ILE A 4 -5.34 11.96 16.57
CA ILE A 4 -4.19 11.03 16.42
C ILE A 4 -4.64 9.58 16.62
N GLY A 5 -4.26 8.73 15.70
CA GLY A 5 -4.66 7.31 15.82
C GLY A 5 -4.33 6.55 14.54
N VAL A 6 -3.24 5.83 14.56
CA VAL A 6 -2.84 5.06 13.35
C VAL A 6 -4.02 4.25 12.82
N LYS A 7 -5.05 4.13 13.60
CA LYS A 7 -6.22 3.36 13.13
C LYS A 7 -6.72 3.91 11.81
N GLU A 8 -6.81 5.23 11.70
CA GLU A 8 -7.30 5.82 10.43
C GLU A 8 -6.61 5.13 9.27
N LEU A 9 -5.31 5.06 9.35
CA LEU A 9 -4.56 4.41 8.28
C LEU A 9 -5.17 3.04 8.06
N ARG A 10 -5.53 2.38 9.15
CA ARG A 10 -6.14 1.04 9.03
C ARG A 10 -7.34 1.11 8.10
N ASP A 11 -8.07 2.19 8.22
CA ASP A 11 -9.25 2.33 7.35
C ASP A 11 -8.83 2.15 5.91
N ALA A 12 -7.85 2.93 5.49
CA ALA A 12 -7.39 2.78 4.10
C ALA A 12 -6.90 1.37 3.90
N PHE A 13 -6.06 0.94 4.78
CA PHE A 13 -5.52 -0.43 4.70
C PHE A 13 -6.64 -1.41 4.39
N ARG A 14 -7.81 -1.12 4.92
CA ARG A 14 -8.96 -2.02 4.66
C ARG A 14 -9.33 -1.99 3.19
N GLU A 15 -9.65 -0.82 2.70
CA GLU A 15 -10.01 -0.72 1.28
C GLU A 15 -8.89 -1.25 0.40
N PHE A 16 -7.70 -1.19 0.92
CA PHE A 16 -6.53 -1.68 0.17
C PHE A 16 -6.67 -3.16 -0.12
N ASP A 17 -6.66 -3.94 0.93
CA ASP A 17 -6.81 -5.40 0.77
C ASP A 17 -8.23 -5.77 0.36
N THR A 18 -8.57 -5.52 -0.87
CA THR A 18 -9.94 -5.86 -1.33
C THR A 18 -10.32 -7.27 -0.89
N ASN A 19 -9.33 -8.03 -0.49
CA ASN A 19 -9.61 -9.42 -0.03
C ASN A 19 -9.60 -9.52 1.48
N GLY A 20 -8.46 -9.78 2.03
CA GLY A 20 -8.36 -9.89 3.51
C GLY A 20 -7.05 -10.57 3.90
N ASP A 21 -6.00 -10.17 3.26
CA ASP A 21 -4.67 -10.77 3.56
C ASP A 21 -4.01 -10.07 4.74
N GLY A 22 -4.29 -8.81 4.87
CA GLY A 22 -3.66 -8.04 6.00
C GLY A 22 -2.39 -7.36 5.51
N GLU A 23 -2.09 -7.52 4.25
CA GLU A 23 -0.87 -6.90 3.69
C GLU A 23 -1.05 -6.58 2.20
N ILE A 24 -0.52 -5.46 1.77
CA ILE A 24 -0.65 -5.09 0.34
C ILE A 24 0.56 -5.58 -0.45
N SER A 25 0.35 -6.62 -1.22
CA SER A 25 1.46 -7.17 -2.04
C SER A 25 1.42 -6.64 -3.47
N THR A 26 2.54 -6.76 -4.16
CA THR A 26 2.60 -6.27 -5.56
C THR A 26 1.30 -6.57 -6.29
N SER A 27 0.99 -7.84 -6.43
CA SER A 27 -0.27 -8.19 -7.13
C SER A 27 -1.42 -7.39 -6.55
N GLU A 28 -1.58 -7.48 -5.26
CA GLU A 28 -2.68 -6.73 -4.62
C GLU A 28 -2.54 -5.25 -4.93
N LEU A 29 -1.32 -4.78 -5.02
CA LEU A 29 -1.12 -3.36 -5.32
C LEU A 29 -1.80 -3.01 -6.62
N ARG A 30 -1.37 -3.67 -7.68
CA ARG A 30 -1.97 -3.42 -9.00
C ARG A 30 -3.47 -3.30 -8.89
N GLU A 31 -4.07 -4.22 -8.19
CA GLU A 31 -5.54 -4.15 -8.04
C GLU A 31 -5.92 -2.87 -7.32
N ALA A 32 -5.15 -2.54 -6.32
CA ALA A 32 -5.44 -1.32 -5.56
C ALA A 32 -5.16 -0.10 -6.42
N MET A 33 -3.97 -0.06 -6.97
CA MET A 33 -3.62 1.10 -7.83
C MET A 33 -4.60 1.21 -9.00
N ARG A 34 -5.08 0.09 -9.46
CA ARG A 34 -6.03 0.13 -10.59
C ARG A 34 -7.35 0.77 -10.17
N LYS A 35 -7.71 0.56 -8.94
CA LYS A 35 -8.99 1.16 -8.45
C LYS A 35 -8.89 2.68 -8.33
N LEU A 36 -7.82 3.14 -7.76
CA LEU A 36 -7.65 4.61 -7.62
C LEU A 36 -7.34 5.26 -8.96
N LEU A 37 -6.37 4.72 -9.64
CA LEU A 37 -6.00 5.29 -10.97
C LEU A 37 -5.63 4.19 -11.94
N GLY A 38 -4.98 4.58 -13.02
CA GLY A 38 -4.57 3.57 -14.03
C GLY A 38 -3.14 3.84 -14.50
N HIS A 39 -2.68 3.05 -15.42
CA HIS A 39 -1.30 3.23 -15.93
C HIS A 39 -1.22 2.91 -17.41
N GLN A 40 -0.22 3.44 -18.06
CA GLN A 40 -0.08 3.17 -19.51
C GLN A 40 0.66 1.87 -19.75
N VAL A 41 1.69 1.93 -20.55
CA VAL A 41 2.48 0.71 -20.84
C VAL A 41 3.73 0.65 -19.96
N GLY A 42 3.62 -0.03 -18.86
CA GLY A 42 4.79 -0.13 -17.95
C GLY A 42 4.35 -0.55 -16.54
N HIS A 43 4.61 -1.78 -16.20
CA HIS A 43 4.21 -2.26 -14.85
C HIS A 43 5.34 -2.01 -13.85
N ARG A 44 6.55 -2.06 -14.34
CA ARG A 44 7.70 -1.84 -13.44
C ARG A 44 7.48 -0.57 -12.64
N ASP A 45 6.63 0.29 -13.14
CA ASP A 45 6.36 1.55 -12.42
C ASP A 45 5.70 1.26 -11.08
N ILE A 46 4.63 0.53 -11.12
CA ILE A 46 3.93 0.20 -9.85
C ILE A 46 4.89 -0.47 -8.88
N GLU A 47 5.63 -1.42 -9.38
CA GLU A 47 6.60 -2.12 -8.50
C GLU A 47 7.62 -1.13 -7.97
N GLU A 48 8.02 -0.21 -8.81
CA GLU A 48 9.01 0.79 -8.36
C GLU A 48 8.52 1.48 -7.11
N ILE A 49 7.23 1.74 -7.06
CA ILE A 49 6.68 2.41 -5.86
C ILE A 49 6.78 1.49 -4.66
N ILE A 50 6.44 0.25 -4.84
CA ILE A 50 6.50 -0.71 -3.72
C ILE A 50 7.96 -0.98 -3.35
N ARG A 51 8.85 -0.56 -4.22
CA ARG A 51 10.28 -0.77 -3.96
C ARG A 51 10.87 0.38 -3.15
N ASP A 52 10.71 1.57 -3.66
CA ASP A 52 11.25 2.75 -2.94
C ASP A 52 10.92 2.67 -1.46
N VAL A 53 9.74 2.20 -1.15
CA VAL A 53 9.33 2.09 0.28
C VAL A 53 10.16 1.01 0.98
N ASP A 54 9.50 0.06 1.58
CA ASP A 54 10.23 -1.01 2.29
C ASP A 54 11.23 -0.42 3.28
N LEU A 55 10.78 -0.19 4.48
CA LEU A 55 11.69 0.39 5.50
C LEU A 55 12.59 -0.68 6.09
N ASN A 56 12.11 -1.89 6.09
CA ASN A 56 12.91 -2.99 6.65
C ASN A 56 13.77 -3.65 5.58
N GLY A 57 13.24 -4.67 4.95
CA GLY A 57 14.01 -5.35 3.89
C GLY A 57 13.19 -6.51 3.30
N ASP A 58 11.90 -6.35 3.30
CA ASP A 58 11.04 -7.43 2.74
C ASP A 58 10.80 -7.22 1.25
N GLY A 59 10.04 -6.19 0.94
CA GLY A 59 9.76 -5.90 -0.50
C GLY A 59 8.31 -5.44 -0.69
N ARG A 60 7.40 -6.10 -0.01
CA ARG A 60 5.97 -5.71 -0.14
C ARG A 60 5.58 -4.65 0.90
N VAL A 61 4.47 -3.99 0.67
CA VAL A 61 4.03 -2.95 1.63
C VAL A 61 3.15 -3.52 2.74
N ASP A 62 3.36 -3.02 3.93
CA ASP A 62 2.56 -3.50 5.10
C ASP A 62 2.07 -2.32 5.94
N PHE A 63 1.05 -2.54 6.72
CA PHE A 63 0.51 -1.44 7.58
C PHE A 63 1.62 -0.58 8.16
N GLU A 64 2.75 -1.17 8.42
CA GLU A 64 3.86 -0.38 8.98
C GLU A 64 4.44 0.54 7.91
N GLU A 65 5.00 -0.06 6.90
CA GLU A 65 5.59 0.77 5.82
C GLU A 65 4.50 1.58 5.11
N PHE A 66 3.29 1.10 5.20
CA PHE A 66 2.17 1.81 4.55
C PHE A 66 1.80 3.04 5.36
N VAL A 67 1.94 2.94 6.65
CA VAL A 67 1.60 4.10 7.50
C VAL A 67 2.65 5.20 7.36
N ARG A 68 3.87 4.78 7.14
CA ARG A 68 4.95 5.79 6.99
C ARG A 68 5.00 6.30 5.56
N MET A 69 4.40 5.57 4.66
CA MET A 69 4.42 6.03 3.24
C MET A 69 3.23 6.93 2.96
N MET A 70 2.22 6.84 3.81
CA MET A 70 1.03 7.69 3.59
C MET A 70 1.17 9.03 4.30
N SER A 71 0.91 9.02 5.59
CA SER A 71 1.02 10.28 6.39
C SER A 71 0.57 11.49 5.58
N ARG A 72 -0.72 11.68 5.50
CA ARG A 72 -1.24 12.85 4.74
C ARG A 72 -2.73 13.03 4.98
CA CA B . -3.54 -9.39 0.80
CA CA C . 8.54 -4.71 3.51
N ALA A 1 -3.45 8.49 19.60
CA ALA A 1 -4.20 9.72 19.23
C ALA A 1 -5.19 9.43 18.11
N ASP A 2 -5.57 10.46 17.41
CA ASP A 2 -6.53 10.27 16.29
C ASP A 2 -6.26 11.26 15.18
N MET A 3 -6.17 12.52 15.53
CA MET A 3 -5.92 13.55 14.50
C MET A 3 -4.75 13.14 13.61
N ILE A 4 -3.92 12.26 14.11
CA ILE A 4 -2.76 11.82 13.31
C ILE A 4 -3.21 10.92 12.16
N GLY A 5 -3.99 9.92 12.48
CA GLY A 5 -4.48 9.00 11.43
C GLY A 5 -3.79 7.63 11.53
N VAL A 6 -3.66 7.13 12.74
CA VAL A 6 -3.01 5.82 12.91
C VAL A 6 -4.00 4.70 12.65
N LYS A 7 -4.94 4.54 13.53
CA LYS A 7 -5.91 3.47 13.31
C LYS A 7 -6.67 3.75 12.03
N GLU A 8 -6.87 5.02 11.75
CA GLU A 8 -7.60 5.37 10.52
C GLU A 8 -6.84 4.79 9.35
N LEU A 9 -5.54 4.92 9.38
CA LEU A 9 -4.75 4.38 8.28
C LEU A 9 -5.17 2.93 8.10
N ARG A 10 -5.28 2.24 9.20
CA ARG A 10 -5.69 0.82 9.12
C ARG A 10 -6.94 0.70 8.26
N ASP A 11 -7.85 1.63 8.44
CA ASP A 11 -9.09 1.58 7.64
C ASP A 11 -8.73 1.45 6.18
N ALA A 12 -7.91 2.34 5.70
CA ALA A 12 -7.51 2.27 4.27
C ALA A 12 -6.96 0.89 4.01
N PHE A 13 -6.02 0.50 4.84
CA PHE A 13 -5.39 -0.82 4.70
C PHE A 13 -6.44 -1.87 4.37
N ARG A 14 -7.58 -1.75 4.99
CA ARG A 14 -8.65 -2.74 4.72
C ARG A 14 -9.08 -2.64 3.26
N GLU A 15 -9.48 -1.46 2.86
CA GLU A 15 -9.91 -1.29 1.45
C GLU A 15 -8.74 -1.62 0.53
N PHE A 16 -7.56 -1.30 1.00
CA PHE A 16 -6.34 -1.58 0.21
C PHE A 16 -6.27 -3.05 -0.14
N ASP A 17 -6.21 -3.86 0.89
CA ASP A 17 -6.13 -5.32 0.67
C ASP A 17 -7.51 -5.88 0.36
N THR A 18 -7.60 -6.67 -0.66
CA THR A 18 -8.90 -7.26 -1.02
C THR A 18 -9.16 -8.53 -0.22
N ASN A 19 -8.13 -9.03 0.40
CA ASN A 19 -8.27 -10.28 1.21
C ASN A 19 -8.31 -9.95 2.70
N GLY A 20 -7.16 -9.73 3.27
CA GLY A 20 -7.11 -9.42 4.73
C GLY A 20 -5.87 -10.05 5.37
N ASP A 21 -4.77 -9.98 4.67
CA ASP A 21 -3.52 -10.56 5.23
C ASP A 21 -2.74 -9.54 6.04
N GLY A 22 -3.01 -8.28 5.79
CA GLY A 22 -2.30 -7.21 6.53
C GLY A 22 -1.10 -6.71 5.73
N GLU A 23 -1.08 -7.02 4.47
CA GLU A 23 0.05 -6.55 3.62
C GLU A 23 -0.38 -6.38 2.17
N ILE A 24 -0.02 -5.27 1.59
CA ILE A 24 -0.40 -5.03 0.18
C ILE A 24 0.66 -5.61 -0.74
N SER A 25 0.27 -6.63 -1.48
CA SER A 25 1.25 -7.25 -2.41
C SER A 25 1.22 -6.60 -3.78
N THR A 26 2.29 -6.76 -4.51
CA THR A 26 2.35 -6.16 -5.86
C THR A 26 1.05 -6.40 -6.59
N SER A 27 0.56 -7.61 -6.51
CA SER A 27 -0.70 -7.93 -7.18
C SER A 27 -1.82 -7.09 -6.61
N GLU A 28 -2.01 -7.20 -5.32
CA GLU A 28 -3.07 -6.42 -4.67
C GLU A 28 -2.86 -4.94 -4.94
N LEU A 29 -1.64 -4.57 -5.18
CA LEU A 29 -1.38 -3.13 -5.45
C LEU A 29 -2.04 -2.73 -6.75
N ARG A 30 -1.66 -3.39 -7.81
CA ARG A 30 -2.24 -3.05 -9.13
C ARG A 30 -3.74 -2.89 -8.99
N GLU A 31 -4.36 -3.81 -8.30
CA GLU A 31 -5.82 -3.71 -8.12
C GLU A 31 -6.15 -2.47 -7.31
N ALA A 32 -5.30 -2.18 -6.36
CA ALA A 32 -5.53 -1.01 -5.51
C ALA A 32 -5.24 0.26 -6.31
N MET A 33 -4.08 0.31 -6.91
CA MET A 33 -3.73 1.51 -7.70
C MET A 33 -4.68 1.65 -8.88
N ARG A 34 -5.15 0.54 -9.39
CA ARG A 34 -6.08 0.61 -10.53
C ARG A 34 -7.37 1.30 -10.11
N LYS A 35 -7.84 1.00 -8.93
CA LYS A 35 -9.09 1.63 -8.46
C LYS A 35 -8.94 3.14 -8.41
N LEU A 36 -7.81 3.59 -7.95
CA LEU A 36 -7.60 5.07 -7.87
C LEU A 36 -7.24 5.64 -9.24
N LEU A 37 -6.27 5.04 -9.87
CA LEU A 37 -5.87 5.53 -11.21
C LEU A 37 -6.73 4.91 -12.31
N GLY A 38 -6.14 4.69 -13.45
CA GLY A 38 -6.91 4.08 -14.57
C GLY A 38 -6.03 3.99 -15.83
N HIS A 39 -4.95 4.72 -15.83
CA HIS A 39 -4.05 4.69 -17.01
C HIS A 39 -3.25 3.39 -17.04
N GLN A 40 -3.29 2.71 -18.14
CA GLN A 40 -2.52 1.44 -18.24
C GLN A 40 -1.03 1.72 -18.19
N VAL A 41 -0.31 0.92 -17.46
CA VAL A 41 1.16 1.14 -17.37
C VAL A 41 1.91 -0.18 -17.18
N GLY A 42 3.18 -0.16 -17.42
CA GLY A 42 3.99 -1.40 -17.26
C GLY A 42 4.03 -1.81 -15.79
N HIS A 43 4.64 -2.92 -15.53
CA HIS A 43 4.73 -3.39 -14.13
C HIS A 43 5.98 -2.86 -13.44
N ARG A 44 7.04 -2.72 -14.18
CA ARG A 44 8.30 -2.21 -13.58
C ARG A 44 8.04 -0.89 -12.86
N ASP A 45 6.97 -0.24 -13.22
CA ASP A 45 6.64 1.04 -12.57
C ASP A 45 6.12 0.82 -11.16
N ILE A 46 5.01 0.13 -11.06
CA ILE A 46 4.45 -0.13 -9.72
C ILE A 46 5.46 -0.81 -8.82
N GLU A 47 6.11 -1.82 -9.35
CA GLU A 47 7.12 -2.54 -8.55
C GLU A 47 8.13 -1.56 -7.96
N GLU A 48 8.64 -0.68 -8.79
CA GLU A 48 9.62 0.30 -8.28
C GLU A 48 9.07 0.99 -7.03
N ILE A 49 7.83 1.37 -7.10
CA ILE A 49 7.22 2.04 -5.93
C ILE A 49 7.05 1.06 -4.78
N ILE A 50 6.68 -0.15 -5.12
CA ILE A 50 6.49 -1.18 -4.07
C ILE A 50 7.80 -1.43 -3.34
N ARG A 51 8.90 -1.24 -4.03
CA ARG A 51 10.22 -1.46 -3.40
C ARG A 51 10.67 -0.22 -2.65
N ASP A 52 10.52 0.92 -3.28
CA ASP A 52 10.93 2.17 -2.62
C ASP A 52 10.33 2.29 -1.23
N VAL A 53 9.17 1.72 -1.04
CA VAL A 53 8.53 1.79 0.30
C VAL A 53 9.04 0.69 1.20
N ASP A 54 9.53 -0.37 0.61
CA ASP A 54 10.05 -1.48 1.43
C ASP A 54 11.15 -1.01 2.38
N LEU A 55 11.73 -1.94 3.09
CA LEU A 55 12.80 -1.55 4.04
C LEU A 55 13.53 -2.78 4.58
N ASN A 56 12.78 -3.83 4.83
CA ASN A 56 13.40 -5.06 5.35
C ASN A 56 14.00 -5.88 4.23
N GLY A 57 13.17 -6.35 3.35
CA GLY A 57 13.68 -7.17 2.22
C GLY A 57 12.56 -7.43 1.20
N ASP A 58 11.53 -8.10 1.62
CA ASP A 58 10.41 -8.38 0.70
C ASP A 58 9.98 -7.12 -0.03
N GLY A 59 9.52 -7.29 -1.23
CA GLY A 59 9.07 -6.10 -2.01
C GLY A 59 7.58 -5.90 -1.84
N ARG A 60 7.17 -5.56 -0.64
CA ARG A 60 5.73 -5.34 -0.40
C ARG A 60 5.52 -4.34 0.72
N VAL A 61 4.33 -3.78 0.76
CA VAL A 61 4.04 -2.79 1.82
C VAL A 61 3.32 -3.40 3.01
N ASP A 62 3.54 -2.83 4.16
CA ASP A 62 2.89 -3.35 5.40
C ASP A 62 2.30 -2.18 6.17
N PHE A 63 1.36 -2.48 7.05
CA PHE A 63 0.73 -1.37 7.84
C PHE A 63 1.78 -0.34 8.28
N GLU A 64 2.90 -0.82 8.73
CA GLU A 64 3.95 0.13 9.17
C GLU A 64 4.48 0.90 7.97
N GLU A 65 5.00 0.20 7.01
CA GLU A 65 5.54 0.89 5.81
C GLU A 65 4.43 1.65 5.10
N PHE A 66 3.23 1.17 5.26
CA PHE A 66 2.08 1.82 4.59
C PHE A 66 1.70 3.09 5.33
N VAL A 67 1.64 3.01 6.64
CA VAL A 67 1.28 4.20 7.42
C VAL A 67 2.33 5.29 7.22
N ARG A 68 3.55 4.87 7.01
CA ARG A 68 4.63 5.86 6.79
C ARG A 68 4.58 6.40 5.37
N MET A 69 4.03 5.61 4.48
CA MET A 69 3.95 6.08 3.08
C MET A 69 2.84 7.10 2.93
N MET A 70 1.92 7.08 3.85
CA MET A 70 0.79 8.05 3.77
C MET A 70 1.17 9.39 4.39
N SER A 71 2.22 9.37 5.18
CA SER A 71 2.67 10.63 5.85
C SER A 71 4.18 10.81 5.68
N ARG A 72 4.77 11.53 6.60
CA ARG A 72 6.24 11.77 6.53
C ARG A 72 6.93 11.25 7.77
CA CA B . -3.46 -8.48 0.98
CA CA C . 8.36 -4.28 3.25
N ALA A 1 -9.66 0.06 25.84
CA ALA A 1 -8.72 0.23 24.70
C ALA A 1 -8.52 1.71 24.38
N ASP A 2 -7.31 2.17 24.54
CA ASP A 2 -7.02 3.59 24.25
C ASP A 2 -6.87 3.82 22.75
N MET A 3 -7.97 3.94 22.07
CA MET A 3 -7.91 4.18 20.60
C MET A 3 -7.24 5.51 20.29
N ILE A 4 -6.08 5.44 19.70
CA ILE A 4 -5.36 6.69 19.36
C ILE A 4 -5.98 7.38 18.14
N GLY A 5 -5.72 6.85 16.98
CA GLY A 5 -6.30 7.47 15.76
C GLY A 5 -5.65 6.86 14.50
N VAL A 6 -4.54 6.21 14.69
CA VAL A 6 -3.85 5.60 13.53
C VAL A 6 -4.75 4.59 12.82
N LYS A 7 -5.69 4.05 13.55
CA LYS A 7 -6.60 3.07 12.94
C LYS A 7 -7.12 3.61 11.60
N GLU A 8 -7.43 4.88 11.55
CA GLU A 8 -7.94 5.43 10.27
C GLU A 8 -7.03 4.96 9.15
N LEU A 9 -5.75 5.05 9.39
CA LEU A 9 -4.81 4.61 8.36
C LEU A 9 -5.15 3.18 8.03
N ARG A 10 -5.47 2.43 9.06
CA ARG A 10 -5.83 1.02 8.84
C ARG A 10 -6.99 0.95 7.87
N ASP A 11 -7.86 1.92 7.98
CA ASP A 11 -9.03 1.93 7.07
C ASP A 11 -8.53 1.83 5.65
N ALA A 12 -7.63 2.71 5.29
CA ALA A 12 -7.11 2.66 3.91
C ALA A 12 -6.60 1.27 3.64
N PHE A 13 -5.71 0.82 4.49
CA PHE A 13 -5.13 -0.54 4.35
C PHE A 13 -6.21 -1.51 3.88
N ARG A 14 -7.41 -1.30 4.33
CA ARG A 14 -8.51 -2.20 3.92
C ARG A 14 -8.84 -1.95 2.46
N GLU A 15 -9.21 -0.74 2.15
CA GLU A 15 -9.54 -0.42 0.75
C GLU A 15 -8.38 -0.86 -0.14
N PHE A 16 -7.27 -1.03 0.50
CA PHE A 16 -6.06 -1.46 -0.23
C PHE A 16 -6.15 -2.94 -0.55
N ASP A 17 -6.18 -3.75 0.48
CA ASP A 17 -6.26 -5.20 0.28
C ASP A 17 -7.71 -5.68 0.42
N THR A 18 -8.41 -5.76 -0.67
CA THR A 18 -9.81 -6.20 -0.61
C THR A 18 -9.92 -7.72 -0.52
N ASN A 19 -8.80 -8.38 -0.67
CA ASN A 19 -8.83 -9.86 -0.59
C ASN A 19 -8.76 -10.33 0.86
N GLY A 20 -8.11 -9.55 1.69
CA GLY A 20 -8.01 -9.93 3.12
C GLY A 20 -6.81 -10.86 3.33
N ASP A 21 -5.64 -10.29 3.36
CA ASP A 21 -4.40 -11.09 3.57
C ASP A 21 -3.62 -10.60 4.78
N GLY A 22 -3.33 -9.33 4.79
CA GLY A 22 -2.58 -8.75 5.93
C GLY A 22 -1.60 -7.68 5.44
N GLU A 23 -1.24 -7.77 4.19
CA GLU A 23 -0.29 -6.77 3.62
C GLU A 23 -0.56 -6.59 2.14
N ILE A 24 -0.16 -5.47 1.60
CA ILE A 24 -0.39 -5.25 0.15
C ILE A 24 0.77 -5.77 -0.66
N SER A 25 0.54 -6.84 -1.39
CA SER A 25 1.61 -7.42 -2.23
C SER A 25 1.46 -6.98 -3.66
N THR A 26 2.52 -7.09 -4.42
CA THR A 26 2.47 -6.69 -5.86
C THR A 26 1.10 -6.98 -6.46
N SER A 27 0.72 -8.23 -6.49
CA SER A 27 -0.60 -8.55 -7.08
C SER A 27 -1.66 -7.62 -6.49
N GLU A 28 -1.77 -7.65 -5.19
CA GLU A 28 -2.77 -6.79 -4.54
C GLU A 28 -2.49 -5.33 -4.87
N LEU A 29 -1.22 -4.99 -4.92
CA LEU A 29 -0.87 -3.58 -5.25
C LEU A 29 -1.54 -3.19 -6.55
N ARG A 30 -1.32 -4.01 -7.56
CA ARG A 30 -1.93 -3.71 -8.87
C ARG A 30 -3.38 -3.34 -8.67
N GLU A 31 -4.09 -4.18 -7.98
CA GLU A 31 -5.51 -3.87 -7.74
C GLU A 31 -5.62 -2.52 -7.08
N ALA A 32 -4.86 -2.33 -6.03
CA ALA A 32 -4.91 -1.04 -5.34
C ALA A 32 -4.53 0.06 -6.30
N MET A 33 -3.38 -0.10 -6.94
CA MET A 33 -2.96 0.94 -7.89
C MET A 33 -4.04 1.17 -8.93
N ARG A 34 -4.58 0.10 -9.46
CA ARG A 34 -5.64 0.26 -10.48
C ARG A 34 -6.66 1.30 -10.05
N LYS A 35 -7.01 1.27 -8.79
CA LYS A 35 -8.00 2.26 -8.30
C LYS A 35 -7.45 3.68 -8.33
N LEU A 36 -6.16 3.79 -8.56
CA LEU A 36 -5.52 5.14 -8.61
C LEU A 36 -4.77 5.35 -9.93
N LEU A 37 -4.06 4.34 -10.34
CA LEU A 37 -3.30 4.42 -11.60
C LEU A 37 -4.02 3.71 -12.73
N GLY A 38 -4.03 4.33 -13.89
CA GLY A 38 -4.71 3.70 -15.05
C GLY A 38 -3.71 2.96 -15.94
N HIS A 39 -3.99 2.92 -17.22
CA HIS A 39 -3.07 2.22 -18.15
C HIS A 39 -2.74 0.82 -17.64
N GLN A 40 -1.70 0.72 -16.85
CA GLN A 40 -1.32 -0.61 -16.31
C GLN A 40 -0.68 -1.48 -17.40
N VAL A 41 -0.56 -0.94 -18.58
CA VAL A 41 0.05 -1.73 -19.69
C VAL A 41 1.46 -2.17 -19.31
N GLY A 42 1.96 -1.64 -18.22
CA GLY A 42 3.33 -2.02 -17.78
C GLY A 42 3.37 -2.20 -16.26
N HIS A 43 3.58 -3.42 -15.84
CA HIS A 43 3.63 -3.68 -14.37
C HIS A 43 4.88 -3.07 -13.75
N ARG A 44 5.76 -2.59 -14.58
CA ARG A 44 7.00 -1.98 -14.04
C ARG A 44 6.67 -0.76 -13.18
N ASP A 45 5.52 -0.19 -13.41
CA ASP A 45 5.13 1.01 -12.62
C ASP A 45 4.65 0.63 -11.22
N ILE A 46 3.52 -0.01 -11.14
CA ILE A 46 2.99 -0.41 -9.81
C ILE A 46 4.11 -0.96 -8.92
N GLU A 47 4.95 -1.78 -9.49
CA GLU A 47 6.04 -2.35 -8.66
C GLU A 47 6.98 -1.23 -8.25
N GLU A 48 7.25 -0.34 -9.17
CA GLU A 48 8.15 0.78 -8.84
C GLU A 48 7.75 1.37 -7.50
N ILE A 49 6.46 1.54 -7.32
CA ILE A 49 5.98 2.10 -6.05
C ILE A 49 6.27 1.11 -4.93
N ILE A 50 6.13 -0.15 -5.24
CA ILE A 50 6.39 -1.18 -4.22
C ILE A 50 7.89 -1.36 -4.03
N ARG A 51 8.64 -0.91 -5.01
CA ARG A 51 10.11 -1.03 -4.91
C ARG A 51 10.69 0.17 -4.16
N ASP A 52 10.15 1.32 -4.43
CA ASP A 52 10.65 2.54 -3.75
C ASP A 52 10.44 2.42 -2.24
N VAL A 53 9.32 1.89 -1.86
CA VAL A 53 9.03 1.74 -0.42
C VAL A 53 9.85 0.59 0.17
N ASP A 54 9.22 -0.23 0.95
CA ASP A 54 9.96 -1.37 1.56
C ASP A 54 11.28 -0.91 2.14
N LEU A 55 11.24 -0.40 3.35
CA LEU A 55 12.48 0.07 3.99
C LEU A 55 13.40 -1.09 4.34
N ASN A 56 12.82 -2.25 4.47
CA ASN A 56 13.65 -3.43 4.80
C ASN A 56 14.22 -4.06 3.54
N GLY A 57 14.44 -5.35 3.59
CA GLY A 57 15.01 -6.05 2.39
C GLY A 57 13.91 -6.75 1.60
N ASP A 58 12.78 -6.93 2.23
CA ASP A 58 11.65 -7.59 1.54
C ASP A 58 11.18 -6.75 0.35
N GLY A 59 9.98 -7.02 -0.09
CA GLY A 59 9.45 -6.23 -1.25
C GLY A 59 7.92 -6.10 -1.14
N ARG A 60 7.45 -5.83 0.05
CA ARG A 60 5.98 -5.69 0.23
C ARG A 60 5.66 -4.55 1.20
N VAL A 61 4.44 -4.08 1.13
CA VAL A 61 4.03 -2.96 2.03
C VAL A 61 3.26 -3.47 3.24
N ASP A 62 3.66 -3.03 4.41
CA ASP A 62 2.99 -3.47 5.66
C ASP A 62 2.33 -2.28 6.36
N PHE A 63 1.38 -2.55 7.22
CA PHE A 63 0.70 -1.44 7.93
C PHE A 63 1.72 -0.47 8.51
N GLU A 64 2.90 -0.96 8.78
CA GLU A 64 3.93 -0.07 9.34
C GLU A 64 4.49 0.83 8.26
N GLU A 65 5.15 0.24 7.29
CA GLU A 65 5.71 1.06 6.19
C GLU A 65 4.60 1.84 5.52
N PHE A 66 3.40 1.36 5.67
CA PHE A 66 2.25 2.05 5.06
C PHE A 66 1.93 3.31 5.84
N VAL A 67 1.71 3.14 7.12
CA VAL A 67 1.42 4.32 7.95
C VAL A 67 2.53 5.33 7.82
N ARG A 68 3.66 4.86 7.35
CA ARG A 68 4.80 5.77 7.18
C ARG A 68 4.69 6.51 5.86
N MET A 69 4.14 5.86 4.87
CA MET A 69 3.99 6.55 3.57
C MET A 69 3.07 7.72 3.72
N MET A 70 2.21 7.65 4.72
CA MET A 70 1.26 8.77 4.93
C MET A 70 1.92 9.88 5.72
N SER A 71 1.59 9.97 6.98
CA SER A 71 2.18 11.03 7.84
C SER A 71 2.28 12.36 7.10
N ARG A 72 1.48 12.53 6.08
CA ARG A 72 1.53 13.80 5.32
C ARG A 72 0.50 14.79 5.87
CA CA B . -3.00 -9.33 0.57
CA CA C . 8.64 -3.97 3.60
N ALA A 1 -14.52 14.14 22.22
CA ALA A 1 -13.58 13.13 21.68
C ALA A 1 -13.22 13.44 20.23
N ASP A 2 -12.36 12.63 19.67
CA ASP A 2 -11.95 12.86 18.26
C ASP A 2 -11.70 11.54 17.54
N MET A 3 -11.70 11.60 16.24
CA MET A 3 -11.47 10.35 15.46
C MET A 3 -9.98 10.07 15.31
N ILE A 4 -9.57 8.91 15.73
CA ILE A 4 -8.13 8.56 15.62
C ILE A 4 -7.71 8.46 14.16
N GLY A 5 -6.44 8.70 13.91
CA GLY A 5 -5.95 8.62 12.52
C GLY A 5 -5.40 7.22 12.21
N VAL A 6 -4.53 6.75 13.06
CA VAL A 6 -3.96 5.39 12.84
C VAL A 6 -5.04 4.41 12.45
N LYS A 7 -5.89 4.08 13.36
CA LYS A 7 -6.96 3.13 13.01
C LYS A 7 -7.61 3.54 11.70
N GLU A 8 -7.67 4.82 11.45
CA GLU A 8 -8.29 5.26 10.20
C GLU A 8 -7.55 4.59 9.04
N LEU A 9 -6.26 4.43 9.22
CA LEU A 9 -5.49 3.78 8.16
C LEU A 9 -5.87 2.32 8.08
N ARG A 10 -6.07 1.70 9.22
CA ARG A 10 -6.46 0.27 9.18
C ARG A 10 -7.58 0.14 8.19
N ASP A 11 -8.41 1.16 8.15
CA ASP A 11 -9.55 1.14 7.21
C ASP A 11 -8.97 1.09 5.81
N ALA A 12 -8.13 2.05 5.51
CA ALA A 12 -7.52 2.08 4.17
C ALA A 12 -6.93 0.71 3.92
N PHE A 13 -6.05 0.33 4.81
CA PHE A 13 -5.39 -0.99 4.70
C PHE A 13 -6.40 -2.05 4.26
N ARG A 14 -7.61 -1.94 4.77
CA ARG A 14 -8.64 -2.93 4.38
C ARG A 14 -8.97 -2.81 2.90
N GLU A 15 -9.51 -1.69 2.52
CA GLU A 15 -9.84 -1.51 1.08
C GLU A 15 -8.61 -1.83 0.24
N PHE A 16 -7.49 -1.82 0.89
CA PHE A 16 -6.21 -2.11 0.19
C PHE A 16 -6.06 -3.61 -0.05
N ASP A 17 -5.88 -4.34 1.03
CA ASP A 17 -5.72 -5.80 0.89
C ASP A 17 -6.98 -6.44 0.33
N THR A 18 -6.79 -7.48 -0.45
CA THR A 18 -7.94 -8.18 -1.05
C THR A 18 -8.06 -9.59 -0.49
N ASN A 19 -7.03 -10.01 0.20
CA ASN A 19 -7.03 -11.37 0.79
C ASN A 19 -7.35 -11.31 2.28
N GLY A 20 -6.52 -11.92 3.08
CA GLY A 20 -6.78 -11.91 4.55
C GLY A 20 -5.47 -12.09 5.32
N ASP A 21 -4.38 -11.67 4.72
CA ASP A 21 -3.07 -11.81 5.41
C ASP A 21 -2.76 -10.56 6.23
N GLY A 22 -3.01 -9.41 5.64
CA GLY A 22 -2.73 -8.13 6.37
C GLY A 22 -1.52 -7.43 5.75
N GLU A 23 -1.32 -7.64 4.48
CA GLU A 23 -0.16 -7.00 3.80
C GLU A 23 -0.48 -6.77 2.33
N ILE A 24 -0.08 -5.64 1.80
CA ILE A 24 -0.37 -5.38 0.39
C ILE A 24 0.74 -5.93 -0.52
N SER A 25 0.38 -6.90 -1.31
CA SER A 25 1.38 -7.50 -2.22
C SER A 25 1.28 -6.86 -3.60
N THR A 26 2.32 -7.01 -4.38
CA THR A 26 2.31 -6.43 -5.74
C THR A 26 0.93 -6.52 -6.39
N SER A 27 0.50 -7.72 -6.66
CA SER A 27 -0.83 -7.88 -7.27
C SER A 27 -1.85 -7.02 -6.56
N GLU A 28 -1.98 -7.23 -5.29
CA GLU A 28 -2.95 -6.43 -4.51
C GLU A 28 -2.63 -4.95 -4.63
N LEU A 29 -1.38 -4.65 -4.83
CA LEU A 29 -1.01 -3.23 -4.96
C LEU A 29 -1.68 -2.62 -6.18
N ARG A 30 -1.37 -3.17 -7.33
CA ARG A 30 -1.97 -2.66 -8.57
C ARG A 30 -3.44 -2.38 -8.36
N GLU A 31 -4.12 -3.33 -7.77
CA GLU A 31 -5.56 -3.13 -7.53
C GLU A 31 -5.77 -1.93 -6.63
N ALA A 32 -4.89 -1.78 -5.69
CA ALA A 32 -5.00 -0.64 -4.76
C ALA A 32 -4.63 0.65 -5.47
N MET A 33 -3.47 0.67 -6.07
CA MET A 33 -3.05 1.90 -6.78
C MET A 33 -3.99 2.21 -7.94
N ARG A 34 -4.78 1.24 -8.33
CA ARG A 34 -5.72 1.48 -9.46
C ARG A 34 -6.95 2.22 -8.98
N LYS A 35 -7.47 1.82 -7.84
CA LYS A 35 -8.68 2.50 -7.32
C LYS A 35 -8.38 3.96 -7.01
N LEU A 36 -7.11 4.28 -6.92
CA LEU A 36 -6.73 5.69 -6.62
C LEU A 36 -6.31 6.42 -7.89
N LEU A 37 -5.45 5.81 -8.66
CA LEU A 37 -5.00 6.46 -9.91
C LEU A 37 -6.08 6.40 -10.97
N GLY A 38 -6.03 5.40 -11.81
CA GLY A 38 -7.06 5.28 -12.87
C GLY A 38 -6.73 4.11 -13.80
N HIS A 39 -5.46 3.94 -14.06
CA HIS A 39 -5.05 2.83 -14.96
C HIS A 39 -3.56 2.88 -15.24
N GLN A 40 -2.81 2.15 -14.46
CA GLN A 40 -1.35 2.14 -14.66
C GLN A 40 -0.98 1.37 -15.93
N VAL A 41 0.18 1.65 -16.46
CA VAL A 41 0.63 0.95 -17.70
C VAL A 41 1.78 0.00 -17.40
N GLY A 42 1.53 -1.27 -17.58
CA GLY A 42 2.61 -2.26 -17.31
C GLY A 42 2.75 -2.52 -15.81
N HIS A 43 2.66 -3.76 -15.42
CA HIS A 43 2.78 -4.09 -13.98
C HIS A 43 4.18 -3.78 -13.48
N ARG A 44 5.16 -4.20 -14.23
CA ARG A 44 6.57 -3.95 -13.82
C ARG A 44 6.74 -2.54 -13.26
N ASP A 45 5.82 -1.67 -13.60
CA ASP A 45 5.91 -0.27 -13.11
C ASP A 45 5.54 -0.21 -11.63
N ILE A 46 4.28 -0.39 -11.34
CA ILE A 46 3.85 -0.34 -9.93
C ILE A 46 4.79 -1.17 -9.06
N GLU A 47 5.51 -2.04 -9.71
CA GLU A 47 6.45 -2.90 -8.96
C GLU A 47 7.66 -2.09 -8.54
N GLU A 48 8.30 -1.47 -9.50
CA GLU A 48 9.48 -0.66 -9.17
C GLU A 48 9.17 0.24 -7.99
N ILE A 49 7.97 0.75 -7.94
CA ILE A 49 7.61 1.64 -6.82
C ILE A 49 7.63 0.87 -5.51
N ILE A 50 6.96 -0.26 -5.50
CA ILE A 50 6.94 -1.08 -4.27
C ILE A 50 8.36 -1.40 -3.82
N ARG A 51 9.27 -1.36 -4.75
CA ARG A 51 10.68 -1.66 -4.39
C ARG A 51 11.37 -0.43 -3.81
N ASP A 52 10.95 0.73 -4.24
CA ASP A 52 11.57 1.97 -3.72
C ASP A 52 10.94 2.39 -2.40
N VAL A 53 9.64 2.24 -2.30
CA VAL A 53 8.95 2.63 -1.05
C VAL A 53 9.35 1.70 0.10
N ASP A 54 9.36 0.43 -0.17
CA ASP A 54 9.74 -0.53 0.89
C ASP A 54 11.06 -0.13 1.53
N LEU A 55 10.98 0.36 2.74
CA LEU A 55 12.22 0.78 3.44
C LEU A 55 13.01 -0.43 3.93
N ASN A 56 12.36 -1.56 3.96
CA ASN A 56 13.06 -2.79 4.42
C ASN A 56 13.69 -3.52 3.24
N GLY A 57 12.87 -4.00 2.33
CA GLY A 57 13.41 -4.73 1.14
C GLY A 57 12.71 -6.08 0.98
N ASP A 58 11.48 -6.15 1.43
CA ASP A 58 10.72 -7.43 1.30
C ASP A 58 9.88 -7.44 0.04
N GLY A 59 9.78 -6.31 -0.58
CA GLY A 59 8.97 -6.21 -1.83
C GLY A 59 7.48 -6.16 -1.47
N ARG A 60 7.18 -5.70 -0.30
CA ARG A 60 5.76 -5.60 0.12
C ARG A 60 5.55 -4.45 1.09
N VAL A 61 4.32 -3.99 1.19
CA VAL A 61 4.03 -2.86 2.12
C VAL A 61 3.26 -3.35 3.35
N ASP A 62 3.58 -2.77 4.49
CA ASP A 62 2.90 -3.16 5.75
C ASP A 62 2.30 -1.92 6.43
N PHE A 63 1.36 -2.14 7.32
CA PHE A 63 0.72 -0.99 8.03
C PHE A 63 1.78 0.05 8.39
N GLU A 64 2.98 -0.41 8.61
CA GLU A 64 4.06 0.53 8.96
C GLU A 64 4.49 1.28 7.72
N GLU A 65 5.08 0.56 6.79
CA GLU A 65 5.53 1.24 5.55
C GLU A 65 4.36 2.03 4.98
N PHE A 66 3.19 1.54 5.27
CA PHE A 66 1.97 2.22 4.78
C PHE A 66 1.86 3.58 5.44
N VAL A 67 1.88 3.55 6.75
CA VAL A 67 1.78 4.81 7.50
C VAL A 67 2.90 5.74 7.09
N ARG A 68 3.94 5.17 6.53
CA ARG A 68 5.08 6.02 6.10
C ARG A 68 4.80 6.64 4.75
N MET A 69 4.01 5.96 3.94
CA MET A 69 3.71 6.53 2.61
C MET A 69 2.78 7.70 2.77
N MET A 70 2.09 7.72 3.89
CA MET A 70 1.14 8.84 4.11
C MET A 70 1.84 10.02 4.78
N SER A 71 1.77 10.06 6.08
CA SER A 71 2.43 11.17 6.82
C SER A 71 2.26 12.50 6.11
N ARG A 72 1.15 12.66 5.44
CA ARG A 72 0.91 13.92 4.71
C ARG A 72 -0.48 13.96 4.13
CA CA B . -2.81 -9.38 0.71
CA CA C . 8.68 -4.12 3.18
N ALA A 1 3.20 18.11 16.17
CA ALA A 1 3.40 16.66 16.44
C ALA A 1 2.57 15.81 15.48
N ASP A 2 2.70 14.53 15.58
CA ASP A 2 1.93 13.63 14.69
C ASP A 2 0.58 13.27 15.30
N MET A 3 -0.44 13.98 14.91
CA MET A 3 -1.79 13.69 15.46
C MET A 3 -2.05 12.19 15.51
N ILE A 4 -2.45 11.72 16.65
CA ILE A 4 -2.73 10.26 16.78
C ILE A 4 -3.85 9.85 15.85
N GLY A 5 -3.77 8.65 15.33
CA GLY A 5 -4.84 8.18 14.40
C GLY A 5 -4.34 7.00 13.56
N VAL A 6 -3.27 6.40 13.98
CA VAL A 6 -2.73 5.24 13.21
C VAL A 6 -3.84 4.29 12.81
N LYS A 7 -4.73 4.03 13.73
CA LYS A 7 -5.84 3.12 13.41
C LYS A 7 -6.53 3.53 12.11
N GLU A 8 -6.84 4.80 11.99
CA GLU A 8 -7.51 5.24 10.74
C GLU A 8 -6.77 4.67 9.55
N LEU A 9 -5.47 4.81 9.58
CA LEU A 9 -4.69 4.28 8.45
C LEU A 9 -5.11 2.84 8.23
N ARG A 10 -5.41 2.17 9.33
CA ARG A 10 -5.84 0.75 9.21
C ARG A 10 -7.07 0.64 8.34
N ASP A 11 -8.03 1.51 8.57
CA ASP A 11 -9.26 1.44 7.74
C ASP A 11 -8.86 1.35 6.28
N ALA A 12 -7.99 2.25 5.86
CA ALA A 12 -7.57 2.20 4.43
C ALA A 12 -7.03 0.81 4.16
N PHE A 13 -6.09 0.41 4.98
CA PHE A 13 -5.49 -0.93 4.80
C PHE A 13 -6.58 -1.95 4.51
N ARG A 14 -7.73 -1.74 5.10
CA ARG A 14 -8.85 -2.68 4.86
C ARG A 14 -9.23 -2.67 3.39
N GLU A 15 -9.64 -1.53 2.91
CA GLU A 15 -10.03 -1.46 1.49
C GLU A 15 -8.91 -2.04 0.63
N PHE A 16 -7.70 -1.82 1.08
CA PHE A 16 -6.52 -2.34 0.34
C PHE A 16 -6.54 -3.86 0.31
N ASP A 17 -6.37 -4.44 1.46
CA ASP A 17 -6.37 -5.92 1.57
C ASP A 17 -7.79 -6.46 1.57
N THR A 18 -8.17 -7.10 0.49
CA THR A 18 -9.53 -7.68 0.44
C THR A 18 -9.58 -9.04 1.13
N ASN A 19 -8.48 -9.73 1.11
CA ASN A 19 -8.44 -11.06 1.76
C ASN A 19 -8.27 -10.93 3.27
N GLY A 20 -7.42 -10.01 3.67
CA GLY A 20 -7.18 -9.81 5.13
C GLY A 20 -5.90 -10.53 5.58
N ASP A 21 -4.79 -10.07 5.07
CA ASP A 21 -3.48 -10.71 5.44
C ASP A 21 -2.68 -9.79 6.35
N GLY A 22 -2.18 -8.72 5.80
CA GLY A 22 -1.38 -7.77 6.64
C GLY A 22 -0.46 -6.92 5.76
N GLU A 23 -0.39 -7.25 4.50
CA GLU A 23 0.49 -6.46 3.59
C GLU A 23 -0.04 -6.47 2.16
N ILE A 24 0.12 -5.35 1.49
CA ILE A 24 -0.37 -5.27 0.10
C ILE A 24 0.73 -5.69 -0.88
N SER A 25 0.47 -6.74 -1.62
CA SER A 25 1.47 -7.23 -2.59
C SER A 25 1.19 -6.65 -3.97
N THR A 26 2.20 -6.67 -4.83
CA THR A 26 2.03 -6.12 -6.20
C THR A 26 0.64 -6.43 -6.75
N SER A 27 0.27 -7.68 -6.66
CA SER A 27 -1.07 -8.06 -7.16
C SER A 27 -2.14 -7.17 -6.55
N GLU A 28 -2.33 -7.32 -5.27
CA GLU A 28 -3.36 -6.49 -4.59
C GLU A 28 -3.03 -5.02 -4.76
N LEU A 29 -1.76 -4.72 -4.90
CA LEU A 29 -1.39 -3.30 -5.06
C LEU A 29 -1.96 -2.77 -6.36
N ARG A 30 -1.57 -3.39 -7.44
CA ARG A 30 -2.07 -2.96 -8.76
C ARG A 30 -3.56 -2.67 -8.69
N GLU A 31 -4.30 -3.58 -8.11
CA GLU A 31 -5.75 -3.35 -8.01
C GLU A 31 -6.02 -1.98 -7.40
N ALA A 32 -5.36 -1.69 -6.31
CA ALA A 32 -5.58 -0.39 -5.67
C ALA A 32 -5.00 0.72 -6.53
N MET A 33 -3.77 0.55 -6.97
CA MET A 33 -3.17 1.61 -7.82
C MET A 33 -3.89 1.73 -9.16
N ARG A 34 -4.54 0.66 -9.56
CA ARG A 34 -5.27 0.70 -10.86
C ARG A 34 -6.46 1.63 -10.77
N LYS A 35 -7.21 1.53 -9.70
CA LYS A 35 -8.39 2.41 -9.56
C LYS A 35 -7.96 3.87 -9.48
N LEU A 36 -6.67 4.08 -9.34
CA LEU A 36 -6.16 5.48 -9.24
C LEU A 36 -5.51 5.91 -10.55
N LEU A 37 -4.68 5.06 -11.10
CA LEU A 37 -4.01 5.42 -12.37
C LEU A 37 -3.74 4.18 -13.22
N GLY A 38 -3.03 4.37 -14.31
CA GLY A 38 -2.72 3.21 -15.19
C GLY A 38 -2.72 3.66 -16.66
N HIS A 39 -1.61 4.19 -17.10
CA HIS A 39 -1.53 4.64 -18.52
C HIS A 39 -0.10 4.49 -19.05
N GLN A 40 0.85 4.48 -18.17
CA GLN A 40 2.26 4.35 -18.62
C GLN A 40 2.65 2.88 -18.72
N VAL A 41 1.72 2.02 -18.44
CA VAL A 41 2.01 0.57 -18.52
C VAL A 41 3.32 0.24 -17.81
N GLY A 42 3.92 -0.86 -18.18
CA GLY A 42 5.20 -1.25 -17.52
C GLY A 42 4.94 -1.78 -16.11
N HIS A 43 5.38 -2.98 -15.85
CA HIS A 43 5.16 -3.55 -14.50
C HIS A 43 6.19 -3.03 -13.52
N ARG A 44 7.34 -2.69 -14.01
CA ARG A 44 8.41 -2.18 -13.13
C ARG A 44 7.85 -1.05 -12.25
N ASP A 45 7.21 -0.10 -12.88
CA ASP A 45 6.64 1.02 -12.10
C ASP A 45 5.94 0.52 -10.84
N ILE A 46 5.12 -0.48 -11.01
CA ILE A 46 4.40 -1.03 -9.84
C ILE A 46 5.37 -1.52 -8.78
N GLU A 47 6.17 -2.49 -9.16
CA GLU A 47 7.15 -3.03 -8.19
C GLU A 47 8.05 -1.93 -7.66
N GLU A 48 8.35 -0.98 -8.51
CA GLU A 48 9.22 0.15 -8.08
C GLU A 48 8.54 0.96 -6.98
N ILE A 49 7.27 1.18 -7.13
CA ILE A 49 6.53 1.97 -6.12
C ILE A 49 6.48 1.20 -4.79
N ILE A 50 6.48 -0.10 -4.89
CA ILE A 50 6.42 -0.92 -3.65
C ILE A 50 7.82 -1.13 -3.09
N ARG A 51 8.80 -1.02 -3.94
CA ARG A 51 10.19 -1.21 -3.47
C ARG A 51 10.75 0.08 -2.89
N ASP A 52 10.19 1.18 -3.31
CA ASP A 52 10.67 2.48 -2.79
C ASP A 52 10.10 2.77 -1.41
N VAL A 53 9.01 2.14 -1.09
CA VAL A 53 8.39 2.36 0.23
C VAL A 53 8.85 1.31 1.24
N ASP A 54 9.53 0.31 0.75
CA ASP A 54 10.02 -0.75 1.67
C ASP A 54 11.12 -0.22 2.57
N LEU A 55 10.85 -0.19 3.85
CA LEU A 55 11.86 0.32 4.80
C LEU A 55 12.89 -0.78 5.12
N ASN A 56 12.63 -1.95 4.63
CA ASN A 56 13.58 -3.08 4.89
C ASN A 56 13.71 -3.97 3.67
N GLY A 57 13.66 -5.26 3.88
CA GLY A 57 13.77 -6.19 2.72
C GLY A 57 12.39 -6.62 2.26
N ASP A 58 11.89 -7.66 2.85
CA ASP A 58 10.54 -8.16 2.47
C ASP A 58 10.29 -8.02 0.97
N GLY A 59 9.40 -7.12 0.63
CA GLY A 59 9.09 -6.90 -0.81
C GLY A 59 7.63 -6.48 -0.95
N ARG A 60 7.01 -6.17 0.16
CA ARG A 60 5.58 -5.76 0.13
C ARG A 60 5.34 -4.61 1.09
N VAL A 61 4.25 -3.92 0.91
CA VAL A 61 3.95 -2.78 1.81
C VAL A 61 3.17 -3.24 3.03
N ASP A 62 3.72 -2.96 4.19
CA ASP A 62 3.06 -3.37 5.45
C ASP A 62 2.44 -2.17 6.15
N PHE A 63 1.49 -2.44 7.00
CA PHE A 63 0.82 -1.34 7.74
C PHE A 63 1.83 -0.29 8.21
N GLU A 64 2.99 -0.74 8.57
CA GLU A 64 4.02 0.22 9.05
C GLU A 64 4.50 1.09 7.89
N GLU A 65 5.09 0.46 6.91
CA GLU A 65 5.60 1.23 5.76
C GLU A 65 4.43 1.89 5.03
N PHE A 66 3.27 1.30 5.13
CA PHE A 66 2.10 1.87 4.46
C PHE A 66 1.64 3.13 5.18
N VAL A 67 1.82 3.15 6.48
CA VAL A 67 1.40 4.34 7.25
C VAL A 67 2.33 5.50 6.97
N ARG A 68 3.59 5.20 6.78
CA ARG A 68 4.56 6.28 6.50
C ARG A 68 4.38 6.80 5.09
N MET A 69 3.87 5.95 4.22
CA MET A 69 3.67 6.39 2.82
C MET A 69 2.51 7.37 2.73
N MET A 70 1.49 7.14 3.51
CA MET A 70 0.31 8.04 3.47
C MET A 70 0.74 9.47 3.75
N SER A 71 1.70 9.62 4.62
CA SER A 71 2.18 10.99 4.95
C SER A 71 3.23 11.46 3.94
N ARG A 72 3.12 12.69 3.53
CA ARG A 72 4.10 13.21 2.56
C ARG A 72 5.51 13.21 3.14
CA CA B . -3.05 -8.92 1.51
CA CA C . 8.55 -4.41 3.46
N ALA A 1 -13.13 3.77 18.65
CA ALA A 1 -12.74 4.35 19.95
C ALA A 1 -11.94 5.63 19.75
N ASP A 2 -11.15 5.97 20.74
CA ASP A 2 -10.33 7.21 20.64
C ASP A 2 -8.92 6.88 20.14
N MET A 3 -8.02 6.69 21.06
CA MET A 3 -6.63 6.37 20.66
C MET A 3 -6.12 7.37 19.63
N ILE A 4 -4.98 7.06 19.05
CA ILE A 4 -4.40 7.97 18.04
C ILE A 4 -5.11 7.78 16.69
N GLY A 5 -5.03 8.79 15.86
CA GLY A 5 -5.70 8.69 14.52
C GLY A 5 -4.95 7.71 13.61
N VAL A 6 -4.06 6.94 14.18
CA VAL A 6 -3.32 5.96 13.33
C VAL A 6 -4.24 4.86 12.84
N LYS A 7 -5.12 4.41 13.69
CA LYS A 7 -6.04 3.35 13.27
C LYS A 7 -6.69 3.73 11.95
N GLU A 8 -7.07 4.99 11.82
CA GLU A 8 -7.72 5.42 10.55
C GLU A 8 -6.93 4.85 9.39
N LEU A 9 -5.65 5.04 9.44
CA LEU A 9 -4.81 4.52 8.36
C LEU A 9 -5.11 3.04 8.21
N ARG A 10 -5.31 2.36 9.31
CA ARG A 10 -5.60 0.92 9.24
C ARG A 10 -6.86 0.69 8.40
N ASP A 11 -7.84 1.54 8.60
CA ASP A 11 -9.10 1.38 7.82
C ASP A 11 -8.75 1.23 6.36
N ALA A 12 -7.97 2.16 5.86
CA ALA A 12 -7.60 2.06 4.43
C ALA A 12 -7.02 0.68 4.17
N PHE A 13 -6.05 0.32 4.99
CA PHE A 13 -5.41 -1.01 4.84
C PHE A 13 -6.46 -2.05 4.52
N ARG A 14 -7.61 -1.91 5.13
CA ARG A 14 -8.69 -2.88 4.88
C ARG A 14 -9.10 -2.82 3.42
N GLU A 15 -9.55 -1.65 3.01
CA GLU A 15 -9.97 -1.53 1.59
C GLU A 15 -8.82 -1.97 0.71
N PHE A 16 -7.64 -1.66 1.15
CA PHE A 16 -6.43 -2.04 0.40
C PHE A 16 -6.39 -3.55 0.24
N ASP A 17 -6.45 -4.23 1.36
CA ASP A 17 -6.42 -5.71 1.35
C ASP A 17 -7.78 -6.28 1.73
N THR A 18 -8.70 -6.22 0.81
CA THR A 18 -10.04 -6.75 1.09
C THR A 18 -9.98 -8.21 1.58
N ASN A 19 -9.34 -9.05 0.80
CA ASN A 19 -9.23 -10.48 1.20
C ASN A 19 -8.97 -10.62 2.70
N GLY A 20 -7.73 -10.51 3.09
CA GLY A 20 -7.42 -10.65 4.55
C GLY A 20 -6.02 -11.23 4.76
N ASP A 21 -5.03 -10.57 4.20
CA ASP A 21 -3.63 -11.07 4.35
C ASP A 21 -2.88 -10.21 5.37
N GLY A 22 -3.10 -8.93 5.32
CA GLY A 22 -2.41 -8.02 6.28
C GLY A 22 -1.24 -7.32 5.58
N GLU A 23 -1.12 -7.55 4.30
CA GLU A 23 -0.01 -6.92 3.55
C GLU A 23 -0.41 -6.72 2.08
N ILE A 24 -0.13 -5.56 1.56
CA ILE A 24 -0.48 -5.31 0.14
C ILE A 24 0.65 -5.74 -0.79
N SER A 25 0.38 -6.74 -1.60
CA SER A 25 1.41 -7.23 -2.55
C SER A 25 1.15 -6.72 -3.96
N THR A 26 2.17 -6.76 -4.78
CA THR A 26 2.03 -6.28 -6.19
C THR A 26 0.65 -6.57 -6.74
N SER A 27 0.24 -7.81 -6.67
CA SER A 27 -1.10 -8.17 -7.19
C SER A 27 -2.17 -7.33 -6.50
N GLU A 28 -2.18 -7.39 -5.20
CA GLU A 28 -3.19 -6.60 -4.45
C GLU A 28 -2.95 -5.12 -4.65
N LEU A 29 -1.71 -4.75 -4.76
CA LEU A 29 -1.40 -3.32 -4.96
C LEU A 29 -1.94 -2.87 -6.30
N ARG A 30 -1.45 -3.52 -7.35
CA ARG A 30 -1.92 -3.16 -8.71
C ARG A 30 -3.41 -2.92 -8.71
N GLU A 31 -4.13 -3.74 -7.99
CA GLU A 31 -5.59 -3.56 -7.96
C GLU A 31 -5.92 -2.22 -7.33
N ALA A 32 -5.30 -1.94 -6.21
CA ALA A 32 -5.57 -0.65 -5.55
C ALA A 32 -5.11 0.49 -6.43
N MET A 33 -3.91 0.37 -6.94
CA MET A 33 -3.39 1.44 -7.81
C MET A 33 -4.23 1.52 -9.08
N ARG A 34 -4.51 0.38 -9.65
CA ARG A 34 -5.33 0.37 -10.89
C ARG A 34 -6.63 1.14 -10.69
N LYS A 35 -7.11 1.15 -9.49
CA LYS A 35 -8.38 1.87 -9.23
C LYS A 35 -8.16 3.38 -9.21
N LEU A 36 -7.02 3.78 -8.72
CA LEU A 36 -6.72 5.24 -8.66
C LEU A 36 -5.81 5.64 -9.81
N LEU A 37 -4.72 4.91 -9.93
CA LEU A 37 -3.72 5.19 -11.01
C LEU A 37 -3.78 6.66 -11.49
N GLY A 38 -3.82 6.86 -12.78
CA GLY A 38 -3.90 8.25 -13.29
C GLY A 38 -3.59 8.27 -14.79
N HIS A 39 -2.33 8.20 -15.11
CA HIS A 39 -1.94 8.22 -16.54
C HIS A 39 -1.92 6.81 -17.11
N GLN A 40 -3.00 6.42 -17.75
CA GLN A 40 -3.06 5.06 -18.33
C GLN A 40 -2.66 4.01 -17.30
N VAL A 41 -1.44 3.56 -17.41
CA VAL A 41 -0.95 2.54 -16.45
C VAL A 41 0.53 2.28 -16.68
N GLY A 42 1.18 1.77 -15.67
CA GLY A 42 2.64 1.48 -15.81
C GLY A 42 3.02 0.20 -15.05
N HIS A 43 3.92 -0.55 -15.59
CA HIS A 43 4.35 -1.79 -14.92
C HIS A 43 5.49 -1.52 -13.95
N ARG A 44 6.64 -1.22 -14.50
CA ARG A 44 7.80 -0.94 -13.62
C ARG A 44 7.51 0.24 -12.71
N ASP A 45 6.42 0.92 -12.97
CA ASP A 45 6.06 2.08 -12.13
C ASP A 45 5.59 1.63 -10.75
N ILE A 46 4.43 1.03 -10.71
CA ILE A 46 3.91 0.55 -9.41
C ILE A 46 4.92 -0.35 -8.71
N GLU A 47 5.51 -1.23 -9.46
CA GLU A 47 6.50 -2.15 -8.86
C GLU A 47 7.65 -1.37 -8.23
N GLU A 48 8.20 -0.45 -8.96
CA GLU A 48 9.32 0.35 -8.41
C GLU A 48 8.93 0.99 -7.08
N ILE A 49 7.70 1.42 -6.99
CA ILE A 49 7.25 2.05 -5.72
C ILE A 49 7.17 1.03 -4.60
N ILE A 50 6.78 -0.17 -4.95
CA ILE A 50 6.68 -1.23 -3.91
C ILE A 50 8.06 -1.71 -3.49
N ARG A 51 9.03 -1.47 -4.33
CA ARG A 51 10.40 -1.91 -3.99
C ARG A 51 11.17 -0.81 -3.25
N ASP A 52 10.85 0.42 -3.55
CA ASP A 52 11.56 1.55 -2.87
C ASP A 52 10.85 1.98 -1.58
N VAL A 53 9.63 1.53 -1.38
CA VAL A 53 8.90 1.94 -0.14
C VAL A 53 9.18 0.96 1.00
N ASP A 54 9.83 -0.13 0.69
CA ASP A 54 10.12 -1.13 1.74
C ASP A 54 11.49 -0.87 2.37
N LEU A 55 11.48 -0.41 3.59
CA LEU A 55 12.78 -0.13 4.27
C LEU A 55 13.48 -1.43 4.70
N ASN A 56 12.71 -2.48 4.82
CA ASN A 56 13.31 -3.77 5.23
C ASN A 56 13.83 -4.55 4.02
N GLY A 57 13.86 -5.86 4.15
CA GLY A 57 14.37 -6.70 3.01
C GLY A 57 13.25 -7.54 2.38
N ASP A 58 12.02 -7.23 2.73
CA ASP A 58 10.90 -8.02 2.15
C ASP A 58 10.61 -7.55 0.71
N GLY A 59 9.85 -6.49 0.59
CA GLY A 59 9.52 -5.99 -0.78
C GLY A 59 8.06 -5.52 -0.86
N ARG A 60 7.21 -6.12 -0.08
CA ARG A 60 5.78 -5.72 -0.11
C ARG A 60 5.51 -4.60 0.89
N VAL A 61 4.40 -3.94 0.72
CA VAL A 61 4.06 -2.83 1.66
C VAL A 61 3.32 -3.35 2.88
N ASP A 62 3.72 -2.84 4.02
CA ASP A 62 3.07 -3.26 5.30
C ASP A 62 2.41 -2.07 5.97
N PHE A 63 1.49 -2.34 6.85
CA PHE A 63 0.80 -1.23 7.56
C PHE A 63 1.78 -0.15 7.97
N GLU A 64 2.79 -0.54 8.71
CA GLU A 64 3.79 0.47 9.15
C GLU A 64 4.35 1.22 7.95
N GLU A 65 4.78 0.47 6.95
CA GLU A 65 5.33 1.13 5.75
C GLU A 65 4.27 1.94 5.04
N PHE A 66 3.13 1.35 4.89
CA PHE A 66 2.01 2.05 4.22
C PHE A 66 1.59 3.27 5.04
N VAL A 67 1.61 3.11 6.34
CA VAL A 67 1.21 4.25 7.20
C VAL A 67 2.28 5.32 7.18
N ARG A 68 3.49 4.91 6.87
CA ARG A 68 4.59 5.90 6.81
C ARG A 68 4.59 6.64 5.49
N MET A 69 3.98 6.05 4.49
CA MET A 69 3.94 6.73 3.18
C MET A 69 2.83 7.76 3.15
N MET A 70 1.80 7.53 3.93
CA MET A 70 0.68 8.51 3.95
C MET A 70 1.07 9.77 4.71
N SER A 71 1.53 9.59 5.93
CA SER A 71 1.91 10.76 6.75
C SER A 71 3.04 11.56 6.08
N ARG A 72 3.45 12.61 6.72
CA ARG A 72 4.54 13.44 6.14
C ARG A 72 5.85 12.65 6.06
CA CA B . -3.37 -9.03 1.33
CA CA C . 8.19 -4.16 3.71
N ALA A 1 -3.52 14.53 15.92
CA ALA A 1 -4.87 14.06 15.49
C ALA A 1 -5.60 15.16 14.71
N ASP A 2 -6.11 14.80 13.57
CA ASP A 2 -6.83 15.80 12.74
C ASP A 2 -7.94 15.14 11.92
N MET A 3 -7.87 15.30 10.63
CA MET A 3 -8.90 14.69 9.76
C MET A 3 -8.50 13.26 9.37
N ILE A 4 -7.25 12.94 9.59
CA ILE A 4 -6.79 11.57 9.25
C ILE A 4 -5.67 11.12 10.18
N GLY A 5 -5.90 10.01 10.87
CA GLY A 5 -4.86 9.49 11.81
C GLY A 5 -4.43 8.08 11.40
N VAL A 6 -3.38 7.61 12.00
CA VAL A 6 -2.89 6.25 11.67
C VAL A 6 -4.02 5.24 11.68
N LYS A 7 -4.94 5.41 12.58
CA LYS A 7 -6.06 4.44 12.63
C LYS A 7 -6.83 4.47 11.32
N GLU A 8 -7.11 5.66 10.84
CA GLU A 8 -7.87 5.73 9.57
C GLU A 8 -7.21 4.83 8.54
N LEU A 9 -5.89 4.82 8.54
CA LEU A 9 -5.20 3.95 7.57
C LEU A 9 -5.64 2.53 7.80
N ARG A 10 -5.73 2.15 9.06
CA ARG A 10 -6.17 0.77 9.35
C ARG A 10 -7.38 0.47 8.51
N ASP A 11 -8.19 1.49 8.32
CA ASP A 11 -9.39 1.31 7.49
C ASP A 11 -8.96 1.11 6.06
N ALA A 12 -8.05 1.94 5.61
CA ALA A 12 -7.57 1.81 4.23
C ALA A 12 -6.97 0.44 4.05
N PHE A 13 -6.05 0.12 4.91
CA PHE A 13 -5.39 -1.19 4.85
C PHE A 13 -6.42 -2.31 4.65
N ARG A 14 -7.50 -2.23 5.38
CA ARG A 14 -8.54 -3.29 5.24
C ARG A 14 -9.08 -3.32 3.81
N GLU A 15 -9.54 -2.20 3.33
CA GLU A 15 -10.08 -2.17 1.95
C GLU A 15 -8.97 -2.50 0.96
N PHE A 16 -7.75 -2.28 1.39
CA PHE A 16 -6.59 -2.57 0.52
C PHE A 16 -6.46 -4.07 0.29
N ASP A 17 -6.09 -4.76 1.34
CA ASP A 17 -5.93 -6.24 1.23
C ASP A 17 -7.28 -6.92 1.02
N THR A 18 -7.82 -6.75 -0.14
CA THR A 18 -9.13 -7.38 -0.42
C THR A 18 -8.95 -8.81 -0.88
N ASN A 19 -7.71 -9.26 -0.88
CA ASN A 19 -7.43 -10.65 -1.31
C ASN A 19 -7.50 -11.61 -0.13
N GLY A 20 -7.36 -11.09 1.06
CA GLY A 20 -7.41 -11.97 2.27
C GLY A 20 -6.01 -12.46 2.63
N ASP A 21 -5.19 -11.56 3.11
CA ASP A 21 -3.80 -11.95 3.49
C ASP A 21 -3.30 -11.11 4.66
N GLY A 22 -3.22 -9.82 4.44
CA GLY A 22 -2.73 -8.93 5.54
C GLY A 22 -1.92 -7.78 4.94
N GLU A 23 -0.85 -8.13 4.27
CA GLU A 23 0.01 -7.08 3.65
C GLU A 23 -0.33 -6.93 2.17
N ILE A 24 0.00 -5.80 1.59
CA ILE A 24 -0.32 -5.61 0.17
C ILE A 24 0.81 -6.12 -0.71
N SER A 25 0.44 -6.95 -1.67
CA SER A 25 1.45 -7.52 -2.60
C SER A 25 1.24 -6.95 -3.99
N THR A 26 2.27 -7.05 -4.82
CA THR A 26 2.15 -6.52 -6.21
C THR A 26 0.75 -6.70 -6.77
N SER A 27 0.31 -7.93 -6.82
CA SER A 27 -1.05 -8.18 -7.35
C SER A 27 -2.06 -7.28 -6.65
N GLU A 28 -2.02 -7.31 -5.35
CA GLU A 28 -2.97 -6.47 -4.58
C GLU A 28 -2.65 -5.00 -4.77
N LEU A 29 -1.38 -4.67 -4.76
CA LEU A 29 -1.01 -3.26 -4.94
C LEU A 29 -1.61 -2.73 -6.22
N ARG A 30 -1.31 -3.39 -7.31
CA ARG A 30 -1.85 -2.96 -8.60
C ARG A 30 -3.32 -2.66 -8.45
N GLU A 31 -4.05 -3.60 -7.92
CA GLU A 31 -5.50 -3.39 -7.75
C GLU A 31 -5.73 -2.08 -7.02
N ALA A 32 -4.99 -1.87 -5.97
CA ALA A 32 -5.16 -0.62 -5.21
C ALA A 32 -4.73 0.55 -6.09
N MET A 33 -3.51 0.50 -6.56
CA MET A 33 -3.02 1.61 -7.42
C MET A 33 -3.96 1.80 -8.61
N ARG A 34 -4.68 0.77 -8.97
CA ARG A 34 -5.62 0.90 -10.12
C ARG A 34 -6.75 1.85 -9.76
N LYS A 35 -7.27 1.70 -8.57
CA LYS A 35 -8.37 2.58 -8.14
C LYS A 35 -7.85 3.95 -7.73
N LEU A 36 -6.70 3.96 -7.10
CA LEU A 36 -6.12 5.25 -6.66
C LEU A 36 -5.35 5.93 -7.80
N LEU A 37 -4.47 5.17 -8.42
CA LEU A 37 -3.66 5.74 -9.54
C LEU A 37 -4.22 5.31 -10.89
N GLY A 38 -3.52 5.66 -11.94
CA GLY A 38 -4.00 5.28 -13.30
C GLY A 38 -2.86 5.30 -14.31
N HIS A 39 -2.23 4.17 -14.49
CA HIS A 39 -1.09 4.11 -15.45
C HIS A 39 -0.91 2.69 -15.98
N GLN A 40 -0.58 1.79 -15.11
CA GLN A 40 -0.38 0.39 -15.54
C GLN A 40 0.46 0.34 -16.83
N VAL A 41 0.28 -0.69 -17.60
CA VAL A 41 1.06 -0.80 -18.86
C VAL A 41 2.54 -0.60 -18.56
N GLY A 42 2.94 -0.99 -17.38
CA GLY A 42 4.37 -0.83 -17.00
C GLY A 42 4.56 -1.30 -15.56
N HIS A 43 4.31 -2.57 -15.34
CA HIS A 43 4.46 -3.14 -13.97
C HIS A 43 5.68 -2.56 -13.26
N ARG A 44 6.68 -2.21 -14.02
CA ARG A 44 7.89 -1.63 -13.40
C ARG A 44 7.57 -0.34 -12.65
N ASP A 45 6.46 0.26 -12.98
CA ASP A 45 6.08 1.52 -12.30
C ASP A 45 5.46 1.26 -10.92
N ILE A 46 4.27 0.72 -10.91
CA ILE A 46 3.62 0.43 -9.61
C ILE A 46 4.60 -0.24 -8.67
N GLU A 47 5.42 -1.10 -9.21
CA GLU A 47 6.40 -1.78 -8.35
C GLU A 47 7.45 -0.79 -7.91
N GLU A 48 7.78 0.14 -8.78
CA GLU A 48 8.80 1.14 -8.40
C GLU A 48 8.43 1.68 -7.04
N ILE A 49 7.16 1.84 -6.82
CA ILE A 49 6.70 2.36 -5.52
C ILE A 49 6.71 1.24 -4.50
N ILE A 50 6.49 0.03 -4.97
CA ILE A 50 6.48 -1.12 -4.05
C ILE A 50 7.92 -1.59 -3.80
N ARG A 51 8.82 -1.07 -4.59
CA ARG A 51 10.24 -1.46 -4.45
C ARG A 51 10.95 -0.53 -3.47
N ASP A 52 10.81 0.75 -3.69
CA ASP A 52 11.47 1.72 -2.80
C ASP A 52 10.83 1.71 -1.41
N VAL A 53 9.53 1.85 -1.39
CA VAL A 53 8.82 1.83 -0.08
C VAL A 53 9.15 0.56 0.70
N ASP A 54 9.99 -0.26 0.13
CA ASP A 54 10.36 -1.51 0.82
C ASP A 54 11.35 -1.22 1.95
N LEU A 55 11.72 -2.25 2.65
CA LEU A 55 12.69 -2.06 3.76
C LEU A 55 13.39 -3.37 4.10
N ASN A 56 13.25 -4.35 3.24
CA ASN A 56 13.90 -5.64 3.50
C ASN A 56 14.21 -6.37 2.19
N GLY A 57 13.22 -6.54 1.36
CA GLY A 57 13.45 -7.24 0.07
C GLY A 57 12.17 -7.94 -0.40
N ASP A 58 11.28 -8.19 0.53
CA ASP A 58 10.01 -8.86 0.15
C ASP A 58 9.22 -8.00 -0.83
N GLY A 59 9.64 -6.78 -1.00
CA GLY A 59 8.92 -5.88 -1.94
C GLY A 59 7.43 -5.85 -1.60
N ARG A 60 7.14 -5.66 -0.34
CA ARG A 60 5.71 -5.62 0.09
C ARG A 60 5.50 -4.51 1.11
N VAL A 61 4.25 -4.12 1.28
CA VAL A 61 3.95 -3.04 2.25
C VAL A 61 3.18 -3.55 3.46
N ASP A 62 3.60 -3.10 4.62
CA ASP A 62 2.93 -3.52 5.88
C ASP A 62 2.27 -2.30 6.53
N PHE A 63 1.32 -2.53 7.42
CA PHE A 63 0.66 -1.36 8.06
C PHE A 63 1.68 -0.30 8.45
N GLU A 64 2.87 -0.74 8.75
CA GLU A 64 3.92 0.23 9.13
C GLU A 64 4.38 0.99 7.90
N GLU A 65 4.94 0.27 6.95
CA GLU A 65 5.40 0.95 5.73
C GLU A 65 4.22 1.68 5.10
N PHE A 66 3.06 1.14 5.35
CA PHE A 66 1.83 1.75 4.81
C PHE A 66 1.63 3.12 5.41
N VAL A 67 1.74 3.15 6.71
CA VAL A 67 1.57 4.43 7.44
C VAL A 67 2.72 5.38 7.09
N ARG A 68 3.83 4.81 6.73
CA ARG A 68 4.99 5.66 6.38
C ARG A 68 4.85 6.19 4.96
N MET A 69 4.15 5.45 4.13
CA MET A 69 3.97 5.90 2.73
C MET A 69 3.01 7.08 2.69
N MET A 70 2.06 7.08 3.60
CA MET A 70 1.08 8.19 3.62
C MET A 70 1.77 9.50 3.97
N SER A 71 2.60 9.45 4.97
CA SER A 71 3.32 10.68 5.38
C SER A 71 4.56 10.90 4.53
N ARG A 72 5.37 11.84 4.93
CA ARG A 72 6.60 12.12 4.16
C ARG A 72 7.78 11.34 4.73
CA CA B . -2.32 -10.00 0.67
CA CA C . 8.54 -4.52 3.08
N ALA A 1 -5.79 12.47 16.18
CA ALA A 1 -5.67 13.86 16.69
C ALA A 1 -4.29 14.09 17.31
N ASP A 2 -3.77 13.09 17.96
CA ASP A 2 -2.44 13.24 18.57
C ASP A 2 -1.35 13.25 17.51
N MET A 3 -1.75 13.09 16.28
CA MET A 3 -0.76 13.09 15.17
C MET A 3 -1.46 13.08 13.83
N ILE A 4 -1.82 11.91 13.37
CA ILE A 4 -2.50 11.81 12.06
C ILE A 4 -3.53 10.69 12.07
N GLY A 5 -3.56 9.95 13.15
CA GLY A 5 -4.53 8.84 13.24
C GLY A 5 -4.04 7.61 12.46
N VAL A 6 -3.46 6.68 13.16
CA VAL A 6 -2.95 5.46 12.49
C VAL A 6 -4.08 4.49 12.21
N LYS A 7 -4.90 4.25 13.19
CA LYS A 7 -6.01 3.30 12.95
C LYS A 7 -6.72 3.65 11.66
N GLU A 8 -6.98 4.92 11.47
CA GLU A 8 -7.67 5.33 10.23
C GLU A 8 -7.01 4.66 9.04
N LEU A 9 -5.71 4.65 9.06
CA LEU A 9 -4.99 4.02 7.95
C LEU A 9 -5.36 2.56 7.91
N ARG A 10 -5.60 1.99 9.07
CA ARG A 10 -5.96 0.57 9.08
C ARG A 10 -7.09 0.40 8.10
N ASP A 11 -7.93 1.41 8.05
CA ASP A 11 -9.08 1.36 7.14
C ASP A 11 -8.54 1.33 5.72
N ALA A 12 -7.60 2.21 5.46
CA ALA A 12 -7.00 2.25 4.10
C ALA A 12 -6.40 0.89 3.80
N PHE A 13 -5.55 0.47 4.69
CA PHE A 13 -4.88 -0.84 4.50
C PHE A 13 -5.92 -1.90 4.12
N ARG A 14 -7.08 -1.83 4.70
CA ARG A 14 -8.12 -2.82 4.37
C ARG A 14 -8.61 -2.59 2.95
N GLU A 15 -9.04 -1.39 2.67
CA GLU A 15 -9.52 -1.10 1.30
C GLU A 15 -8.41 -1.41 0.31
N PHE A 16 -7.21 -1.38 0.81
CA PHE A 16 -6.03 -1.67 -0.03
C PHE A 16 -6.05 -3.13 -0.47
N ASP A 17 -5.94 -4.00 0.49
CA ASP A 17 -5.96 -5.45 0.19
C ASP A 17 -7.38 -5.94 -0.01
N THR A 18 -7.59 -6.66 -1.08
CA THR A 18 -8.95 -7.18 -1.34
C THR A 18 -9.13 -8.57 -0.73
N ASN A 19 -8.28 -8.89 0.21
CA ASN A 19 -8.37 -10.22 0.87
C ASN A 19 -8.02 -10.14 2.35
N GLY A 20 -7.71 -8.95 2.79
CA GLY A 20 -7.35 -8.78 4.23
C GLY A 20 -6.24 -9.74 4.63
N ASP A 21 -5.15 -9.69 3.93
CA ASP A 21 -4.02 -10.60 4.26
C ASP A 21 -3.13 -10.00 5.35
N GLY A 22 -2.56 -8.86 5.06
CA GLY A 22 -1.67 -8.22 6.07
C GLY A 22 -0.61 -7.36 5.38
N GLU A 23 -0.47 -7.56 4.09
CA GLU A 23 0.54 -6.77 3.33
C GLU A 23 0.07 -6.53 1.90
N ILE A 24 0.35 -5.37 1.37
CA ILE A 24 -0.09 -5.08 -0.01
C ILE A 24 0.96 -5.53 -1.02
N SER A 25 0.65 -6.57 -1.74
CA SER A 25 1.61 -7.09 -2.75
C SER A 25 1.25 -6.58 -4.13
N THR A 26 2.21 -6.64 -5.03
CA THR A 26 1.95 -6.16 -6.42
C THR A 26 0.54 -6.49 -6.86
N SER A 27 0.13 -7.71 -6.65
CA SER A 27 -1.24 -8.07 -7.06
C SER A 27 -2.23 -7.17 -6.36
N GLU A 28 -2.18 -7.17 -5.04
CA GLU A 28 -3.10 -6.31 -4.29
C GLU A 28 -2.85 -4.86 -4.64
N LEU A 29 -1.61 -4.52 -4.84
CA LEU A 29 -1.28 -3.13 -5.18
C LEU A 29 -2.01 -2.74 -6.46
N ARG A 30 -1.84 -3.55 -7.47
CA ARG A 30 -2.50 -3.26 -8.76
C ARG A 30 -3.95 -2.89 -8.53
N GLU A 31 -4.64 -3.70 -7.77
CA GLU A 31 -6.05 -3.39 -7.49
C GLU A 31 -6.18 -1.99 -6.93
N ALA A 32 -5.24 -1.63 -6.10
CA ALA A 32 -5.28 -0.27 -5.52
C ALA A 32 -4.98 0.75 -6.60
N MET A 33 -3.82 0.64 -7.19
CA MET A 33 -3.47 1.60 -8.25
C MET A 33 -4.56 1.60 -9.31
N ARG A 34 -5.18 0.47 -9.52
CA ARG A 34 -6.26 0.42 -10.54
C ARG A 34 -7.33 1.45 -10.22
N LYS A 35 -7.83 1.39 -9.01
CA LYS A 35 -8.88 2.36 -8.61
C LYS A 35 -8.46 3.79 -8.94
N LEU A 36 -7.22 3.96 -9.33
CA LEU A 36 -6.72 5.32 -9.68
C LEU A 36 -6.15 5.37 -11.10
N LEU A 37 -5.41 4.34 -11.45
CA LEU A 37 -4.81 4.29 -12.82
C LEU A 37 -5.48 3.22 -13.67
N GLY A 38 -4.67 2.48 -14.40
CA GLY A 38 -5.24 1.42 -15.27
C GLY A 38 -4.12 0.77 -16.10
N HIS A 39 -4.40 -0.41 -16.61
CA HIS A 39 -3.36 -1.10 -17.43
C HIS A 39 -2.84 -0.19 -18.53
N GLN A 40 -1.83 0.58 -18.20
CA GLN A 40 -1.25 1.50 -19.22
C GLN A 40 -0.04 0.87 -19.91
N VAL A 41 0.86 0.35 -19.13
CA VAL A 41 2.06 -0.27 -19.73
C VAL A 41 2.57 -1.44 -18.86
N GLY A 42 3.84 -1.41 -18.58
CA GLY A 42 4.42 -2.51 -17.75
C GLY A 42 4.12 -2.27 -16.26
N HIS A 43 4.43 -3.25 -15.46
CA HIS A 43 4.19 -3.12 -14.00
C HIS A 43 5.40 -2.54 -13.31
N ARG A 44 6.48 -2.44 -14.05
CA ARG A 44 7.73 -1.88 -13.47
C ARG A 44 7.44 -0.76 -12.49
N ASP A 45 6.48 0.05 -12.82
CA ASP A 45 6.13 1.17 -11.93
C ASP A 45 5.54 0.65 -10.62
N ILE A 46 4.61 -0.24 -10.73
CA ILE A 46 3.98 -0.82 -9.51
C ILE A 46 5.03 -1.25 -8.51
N GLU A 47 5.86 -2.19 -8.91
CA GLU A 47 6.92 -2.66 -7.99
C GLU A 47 7.75 -1.49 -7.46
N GLU A 48 7.99 -0.53 -8.31
CA GLU A 48 8.79 0.63 -7.88
C GLU A 48 8.13 1.31 -6.68
N ILE A 49 6.83 1.31 -6.66
CA ILE A 49 6.12 1.96 -5.53
C ILE A 49 6.15 1.06 -4.29
N ILE A 50 6.20 -0.22 -4.52
CA ILE A 50 6.24 -1.16 -3.37
C ILE A 50 7.67 -1.45 -2.92
N ARG A 51 8.61 -1.16 -3.79
CA ARG A 51 10.03 -1.41 -3.43
C ARG A 51 10.63 -0.20 -2.74
N ASP A 52 10.17 0.96 -3.10
CA ASP A 52 10.70 2.19 -2.47
C ASP A 52 10.25 2.30 -1.01
N VAL A 53 9.21 1.58 -0.69
CA VAL A 53 8.70 1.63 0.71
C VAL A 53 9.14 0.38 1.49
N ASP A 54 9.85 -0.48 0.84
CA ASP A 54 10.31 -1.72 1.53
C ASP A 54 11.56 -1.44 2.35
N LEU A 55 11.38 -1.27 3.63
CA LEU A 55 12.54 -1.00 4.51
C LEU A 55 13.46 -2.21 4.57
N ASN A 56 12.88 -3.37 4.46
CA ASN A 56 13.69 -4.61 4.50
C ASN A 56 14.23 -4.96 3.12
N GLY A 57 13.39 -5.51 2.30
CA GLY A 57 13.84 -5.88 0.93
C GLY A 57 13.04 -7.07 0.40
N ASP A 58 11.90 -7.30 0.98
CA ASP A 58 11.07 -8.44 0.51
C ASP A 58 10.37 -8.10 -0.79
N GLY A 59 9.57 -7.06 -0.77
CA GLY A 59 8.84 -6.65 -2.01
C GLY A 59 7.36 -6.39 -1.69
N ARG A 60 7.09 -6.05 -0.46
CA ARG A 60 5.68 -5.79 -0.08
C ARG A 60 5.58 -4.69 0.98
N VAL A 61 4.43 -4.06 1.04
CA VAL A 61 4.26 -2.97 2.05
C VAL A 61 3.55 -3.47 3.31
N ASP A 62 3.98 -2.95 4.44
CA ASP A 62 3.36 -3.36 5.73
C ASP A 62 2.59 -2.19 6.34
N PHE A 63 1.65 -2.48 7.19
CA PHE A 63 0.88 -1.38 7.82
C PHE A 63 1.80 -0.25 8.25
N GLU A 64 2.82 -0.59 8.99
CA GLU A 64 3.77 0.46 9.44
C GLU A 64 4.40 1.16 8.26
N GLU A 65 4.94 0.39 7.37
CA GLU A 65 5.59 1.00 6.17
C GLU A 65 4.57 1.77 5.35
N PHE A 66 3.37 1.27 5.29
CA PHE A 66 2.34 1.98 4.50
C PHE A 66 1.94 3.26 5.21
N VAL A 67 1.85 3.20 6.52
CA VAL A 67 1.46 4.41 7.27
C VAL A 67 2.39 5.57 6.94
N ARG A 68 3.67 5.32 7.01
CA ARG A 68 4.63 6.40 6.68
C ARG A 68 4.56 6.75 5.21
N MET A 69 4.23 5.77 4.39
CA MET A 69 4.15 6.06 2.95
C MET A 69 2.99 6.98 2.67
N MET A 70 2.08 7.06 3.62
CA MET A 70 0.91 7.94 3.43
C MET A 70 1.22 9.35 3.93
N SER A 71 1.12 9.54 5.22
CA SER A 71 1.40 10.88 5.78
C SER A 71 0.59 11.96 5.06
N ARG A 72 1.12 12.45 3.98
CA ARG A 72 0.40 13.49 3.21
C ARG A 72 -0.72 12.88 2.38
CA CA B . -3.12 -8.50 0.80
CA CA C . 8.40 -4.44 3.83
N ALA A 1 -8.63 17.64 22.18
CA ALA A 1 -7.32 17.40 22.85
C ALA A 1 -6.57 16.26 22.18
N ASP A 2 -7.29 15.20 21.89
CA ASP A 2 -6.65 14.03 21.24
C ASP A 2 -7.02 13.95 19.77
N MET A 3 -6.26 14.61 18.94
CA MET A 3 -6.56 14.60 17.48
C MET A 3 -5.63 13.63 16.75
N ILE A 4 -5.78 13.55 15.46
CA ILE A 4 -4.91 12.64 14.67
C ILE A 4 -5.16 11.18 15.08
N GLY A 5 -4.75 10.27 14.23
CA GLY A 5 -4.94 8.84 14.55
C GLY A 5 -4.54 7.97 13.35
N VAL A 6 -3.54 7.14 13.56
CA VAL A 6 -3.09 6.27 12.44
C VAL A 6 -4.14 5.23 12.10
N LYS A 7 -5.06 5.03 13.00
CA LYS A 7 -6.11 4.03 12.71
C LYS A 7 -6.74 4.31 11.35
N GLU A 8 -7.06 5.56 11.09
CA GLU A 8 -7.67 5.87 9.79
C GLU A 8 -6.84 5.21 8.70
N LEU A 9 -5.54 5.36 8.82
CA LEU A 9 -4.67 4.74 7.82
C LEU A 9 -5.09 3.31 7.66
N ARG A 10 -5.46 2.71 8.77
CA ARG A 10 -5.91 1.30 8.70
C ARG A 10 -7.09 1.19 7.78
N ASP A 11 -7.95 2.18 7.86
CA ASP A 11 -9.15 2.16 6.98
C ASP A 11 -8.71 1.89 5.57
N ALA A 12 -7.71 2.59 5.14
CA ALA A 12 -7.22 2.36 3.77
C ALA A 12 -6.73 0.93 3.66
N PHE A 13 -5.80 0.60 4.52
CA PHE A 13 -5.25 -0.76 4.54
C PHE A 13 -6.34 -1.80 4.33
N ARG A 14 -7.52 -1.53 4.86
CA ARG A 14 -8.62 -2.50 4.68
C ARG A 14 -9.04 -2.52 3.23
N GLU A 15 -9.56 -1.42 2.76
CA GLU A 15 -9.99 -1.37 1.34
C GLU A 15 -8.84 -1.84 0.46
N PHE A 16 -7.69 -1.98 1.08
CA PHE A 16 -6.49 -2.43 0.34
C PHE A 16 -6.45 -3.96 0.28
N ASP A 17 -6.33 -4.56 1.43
CA ASP A 17 -6.28 -6.04 1.49
C ASP A 17 -7.68 -6.63 1.60
N THR A 18 -8.02 -7.49 0.68
CA THR A 18 -9.35 -8.11 0.71
C THR A 18 -9.28 -9.49 1.34
N ASN A 19 -8.11 -9.84 1.83
CA ASN A 19 -7.93 -11.17 2.47
C ASN A 19 -7.85 -11.03 3.98
N GLY A 20 -6.83 -11.61 4.57
CA GLY A 20 -6.69 -11.52 6.05
C GLY A 20 -5.21 -11.47 6.46
N ASP A 21 -4.34 -11.60 5.50
CA ASP A 21 -2.89 -11.57 5.82
C ASP A 21 -2.51 -10.27 6.54
N GLY A 22 -2.88 -9.16 5.96
CA GLY A 22 -2.55 -7.85 6.59
C GLY A 22 -1.37 -7.20 5.87
N GLU A 23 -1.21 -7.56 4.63
CA GLU A 23 -0.09 -6.99 3.84
C GLU A 23 -0.46 -6.90 2.37
N ILE A 24 -0.11 -5.81 1.76
CA ILE A 24 -0.44 -5.66 0.33
C ILE A 24 0.67 -6.23 -0.54
N SER A 25 0.33 -7.21 -1.32
CA SER A 25 1.34 -7.84 -2.20
C SER A 25 1.38 -7.16 -3.57
N THR A 26 2.48 -7.36 -4.27
CA THR A 26 2.63 -6.74 -5.61
C THR A 26 1.32 -6.83 -6.39
N SER A 27 0.98 -8.03 -6.80
CA SER A 27 -0.28 -8.17 -7.57
C SER A 27 -1.40 -7.43 -6.87
N GLU A 28 -1.55 -7.68 -5.59
CA GLU A 28 -2.62 -7.00 -4.84
C GLU A 28 -2.45 -5.50 -4.95
N LEU A 29 -1.23 -5.09 -5.22
CA LEU A 29 -0.99 -3.64 -5.35
C LEU A 29 -1.66 -3.13 -6.61
N ARG A 30 -1.36 -3.77 -7.71
CA ARG A 30 -1.96 -3.34 -8.99
C ARG A 30 -3.45 -3.13 -8.81
N GLU A 31 -4.09 -4.10 -8.21
CA GLU A 31 -5.54 -3.97 -8.01
C GLU A 31 -5.82 -2.73 -7.20
N ALA A 32 -5.01 -2.49 -6.22
CA ALA A 32 -5.21 -1.29 -5.38
C ALA A 32 -4.92 -0.05 -6.19
N MET A 33 -3.72 0.01 -6.73
CA MET A 33 -3.37 1.19 -7.55
C MET A 33 -4.45 1.49 -8.57
N ARG A 34 -5.04 0.44 -9.12
CA ARG A 34 -6.11 0.65 -10.12
C ARG A 34 -7.35 1.26 -9.47
N LYS A 35 -7.59 0.88 -8.24
CA LYS A 35 -8.77 1.42 -7.53
C LYS A 35 -8.65 2.92 -7.34
N LEU A 36 -7.43 3.38 -7.18
CA LEU A 36 -7.24 4.84 -6.99
C LEU A 36 -6.98 5.54 -8.32
N LEU A 37 -6.10 4.96 -9.10
CA LEU A 37 -5.79 5.58 -10.41
C LEU A 37 -6.84 5.19 -11.45
N GLY A 38 -6.80 5.84 -12.57
CA GLY A 38 -7.80 5.50 -13.63
C GLY A 38 -7.24 4.40 -14.54
N HIS A 39 -7.01 4.74 -15.77
CA HIS A 39 -6.47 3.73 -16.72
C HIS A 39 -5.04 3.36 -16.36
N GLN A 40 -4.62 2.20 -16.81
CA GLN A 40 -3.24 1.75 -16.49
C GLN A 40 -2.21 2.62 -17.22
N VAL A 41 -0.98 2.48 -16.82
CA VAL A 41 0.09 3.29 -17.46
C VAL A 41 1.41 2.52 -17.49
N GLY A 42 1.49 1.50 -16.67
CA GLY A 42 2.74 0.69 -16.63
C GLY A 42 2.97 0.14 -15.22
N HIS A 43 3.20 -1.14 -15.13
CA HIS A 43 3.43 -1.76 -13.80
C HIS A 43 4.75 -1.27 -13.20
N ARG A 44 5.53 -0.59 -13.99
CA ARG A 44 6.81 -0.10 -13.47
C ARG A 44 6.59 1.04 -12.47
N ASP A 45 5.42 1.63 -12.54
CA ASP A 45 5.12 2.74 -11.60
C ASP A 45 4.60 2.22 -10.26
N ILE A 46 3.58 1.40 -10.29
CA ILE A 46 3.05 0.87 -9.02
C ILE A 46 4.13 0.16 -8.23
N GLU A 47 4.98 -0.57 -8.92
CA GLU A 47 6.05 -1.28 -8.20
C GLU A 47 7.05 -0.27 -7.67
N GLU A 48 7.43 0.67 -8.51
CA GLU A 48 8.40 1.68 -8.07
C GLU A 48 7.99 2.20 -6.71
N ILE A 49 6.69 2.30 -6.51
CA ILE A 49 6.20 2.78 -5.21
C ILE A 49 6.23 1.66 -4.20
N ILE A 50 6.05 0.46 -4.69
CA ILE A 50 6.07 -0.71 -3.78
C ILE A 50 7.51 -1.05 -3.40
N ARG A 51 8.44 -0.51 -4.15
CA ARG A 51 9.87 -0.77 -3.87
C ARG A 51 10.44 0.28 -2.91
N ASP A 52 10.46 1.51 -3.34
CA ASP A 52 11.00 2.59 -2.49
C ASP A 52 10.58 2.41 -1.03
N VAL A 53 9.39 1.92 -0.84
CA VAL A 53 8.90 1.71 0.54
C VAL A 53 9.72 0.62 1.24
N ASP A 54 9.08 -0.46 1.59
CA ASP A 54 9.80 -1.55 2.27
C ASP A 54 10.66 -1.03 3.43
N LEU A 55 11.51 -1.90 3.91
CA LEU A 55 12.39 -1.50 5.04
C LEU A 55 13.50 -2.53 5.21
N ASN A 56 13.12 -3.77 5.11
CA ASN A 56 14.12 -4.86 5.26
C ASN A 56 14.70 -5.24 3.90
N GLY A 57 14.03 -6.15 3.27
CA GLY A 57 14.50 -6.61 1.92
C GLY A 57 13.34 -7.30 1.21
N ASP A 58 12.32 -7.57 1.97
CA ASP A 58 11.13 -8.23 1.41
C ASP A 58 10.71 -7.55 0.11
N GLY A 59 10.14 -6.38 0.24
CA GLY A 59 9.69 -5.64 -0.98
C GLY A 59 8.17 -5.40 -0.95
N ARG A 60 7.48 -6.15 -0.12
CA ARG A 60 6.01 -5.97 -0.04
C ARG A 60 5.66 -4.91 1.00
N VAL A 61 4.48 -4.36 0.89
CA VAL A 61 4.06 -3.30 1.86
C VAL A 61 3.25 -3.86 3.02
N ASP A 62 3.40 -3.24 4.16
CA ASP A 62 2.66 -3.69 5.37
C ASP A 62 2.04 -2.48 6.08
N PHE A 63 1.05 -2.72 6.90
CA PHE A 63 0.39 -1.56 7.61
C PHE A 63 1.44 -0.58 8.11
N GLU A 64 2.52 -1.09 8.63
CA GLU A 64 3.57 -0.18 9.13
C GLU A 64 4.23 0.54 7.97
N GLU A 65 4.85 -0.22 7.10
CA GLU A 65 5.53 0.41 5.94
C GLU A 65 4.52 1.20 5.11
N PHE A 66 3.28 0.82 5.25
CA PHE A 66 2.20 1.51 4.51
C PHE A 66 1.88 2.84 5.15
N VAL A 67 1.96 2.87 6.45
CA VAL A 67 1.67 4.12 7.17
C VAL A 67 2.82 5.10 7.04
N ARG A 68 4.02 4.57 7.03
CA ARG A 68 5.19 5.47 6.91
C ARG A 68 5.34 5.97 5.48
N MET A 69 4.84 5.20 4.54
CA MET A 69 4.96 5.64 3.14
C MET A 69 3.95 6.74 2.84
N MET A 70 2.79 6.63 3.43
CA MET A 70 1.75 7.66 3.20
C MET A 70 2.29 9.03 3.56
N SER A 71 3.26 9.06 4.43
CA SER A 71 3.83 10.36 4.84
C SER A 71 4.09 11.25 3.62
N ARG A 72 3.91 12.53 3.81
CA ARG A 72 4.15 13.47 2.68
C ARG A 72 5.60 13.93 2.64
CA CA B . -3.35 -9.38 1.18
CA CA C . 8.90 -4.95 3.34
N ALA A 1 -8.70 16.22 14.10
CA ALA A 1 -8.02 15.48 13.02
C ALA A 1 -7.76 14.03 13.42
N ASP A 2 -6.56 13.75 13.84
CA ASP A 2 -6.23 12.36 14.25
C ASP A 2 -6.64 12.13 15.70
N MET A 3 -6.02 12.85 16.60
CA MET A 3 -6.36 12.67 18.03
C MET A 3 -6.35 11.20 18.40
N ILE A 4 -5.18 10.64 18.52
CA ILE A 4 -5.09 9.21 18.88
C ILE A 4 -6.02 8.37 18.00
N GLY A 5 -5.87 8.49 16.71
CA GLY A 5 -6.74 7.70 15.80
C GLY A 5 -6.00 7.28 14.53
N VAL A 6 -5.10 6.34 14.68
CA VAL A 6 -4.33 5.88 13.49
C VAL A 6 -5.13 4.82 12.75
N LYS A 7 -6.11 4.28 13.39
CA LYS A 7 -6.93 3.25 12.74
C LYS A 7 -7.39 3.75 11.38
N GLU A 8 -7.72 5.03 11.30
CA GLU A 8 -8.18 5.57 10.00
C GLU A 8 -7.24 5.06 8.94
N LEU A 9 -5.97 5.19 9.23
CA LEU A 9 -4.97 4.72 8.26
C LEU A 9 -5.27 3.27 7.97
N ARG A 10 -5.57 2.54 9.01
CA ARG A 10 -5.88 1.11 8.82
C ARG A 10 -7.06 0.99 7.86
N ASP A 11 -8.00 1.89 8.00
CA ASP A 11 -9.16 1.84 7.09
C ASP A 11 -8.68 1.68 5.67
N ALA A 12 -7.75 2.53 5.31
CA ALA A 12 -7.21 2.44 3.94
C ALA A 12 -6.56 1.08 3.75
N PHE A 13 -5.69 0.75 4.68
CA PHE A 13 -4.99 -0.56 4.62
C PHE A 13 -5.98 -1.69 4.34
N ARG A 14 -7.16 -1.59 4.88
CA ARG A 14 -8.15 -2.66 4.63
C ARG A 14 -8.57 -2.66 3.17
N GLU A 15 -9.07 -1.53 2.73
CA GLU A 15 -9.50 -1.45 1.31
C GLU A 15 -8.33 -1.85 0.42
N PHE A 16 -7.15 -1.54 0.87
CA PHE A 16 -5.94 -1.88 0.08
C PHE A 16 -5.93 -3.36 -0.25
N ASP A 17 -5.98 -4.16 0.78
CA ASP A 17 -5.98 -5.63 0.57
C ASP A 17 -7.40 -6.12 0.28
N THR A 18 -7.51 -6.94 -0.73
CA THR A 18 -8.85 -7.46 -1.09
C THR A 18 -9.09 -8.82 -0.42
N ASN A 19 -8.09 -9.30 0.27
CA ASN A 19 -8.22 -10.61 0.97
C ASN A 19 -8.23 -10.43 2.48
N GLY A 20 -7.14 -10.81 3.11
CA GLY A 20 -7.07 -10.65 4.58
C GLY A 20 -5.71 -11.15 5.09
N ASP A 21 -4.66 -10.75 4.42
CA ASP A 21 -3.32 -11.18 4.85
C ASP A 21 -2.75 -10.22 5.89
N GLY A 22 -2.26 -9.10 5.42
CA GLY A 22 -1.69 -8.11 6.37
C GLY A 22 -0.69 -7.18 5.65
N GLU A 23 -0.41 -7.49 4.42
CA GLU A 23 0.54 -6.65 3.66
C GLU A 23 0.14 -6.58 2.19
N ILE A 24 0.35 -5.43 1.58
CA ILE A 24 -0.02 -5.29 0.16
C ILE A 24 1.13 -5.68 -0.75
N SER A 25 0.81 -6.41 -1.79
CA SER A 25 1.86 -6.84 -2.75
C SER A 25 1.61 -6.22 -4.12
N THR A 26 2.64 -6.19 -4.94
CA THR A 26 2.48 -5.60 -6.31
C THR A 26 1.13 -5.96 -6.90
N SER A 27 0.96 -7.20 -7.22
CA SER A 27 -0.32 -7.64 -7.81
C SER A 27 -1.49 -7.03 -7.07
N GLU A 28 -1.63 -7.40 -5.83
CA GLU A 28 -2.75 -6.84 -5.04
C GLU A 28 -2.75 -5.33 -5.11
N LEU A 29 -1.58 -4.75 -5.23
CA LEU A 29 -1.56 -3.28 -5.30
C LEU A 29 -2.13 -2.82 -6.62
N ARG A 30 -1.70 -3.46 -7.68
CA ARG A 30 -2.22 -3.05 -9.01
C ARG A 30 -3.72 -2.85 -8.91
N GLU A 31 -4.35 -3.75 -8.21
CA GLU A 31 -5.81 -3.62 -8.06
C GLU A 31 -6.12 -2.37 -7.26
N ALA A 32 -5.32 -2.11 -6.26
CA ALA A 32 -5.55 -0.91 -5.44
C ALA A 32 -5.29 0.34 -6.26
N MET A 33 -4.14 0.38 -6.88
CA MET A 33 -3.82 1.57 -7.70
C MET A 33 -4.86 1.75 -8.80
N ARG A 34 -5.63 0.72 -9.02
CA ARG A 34 -6.67 0.83 -10.08
C ARG A 34 -7.98 1.35 -9.48
N LYS A 35 -8.13 1.16 -8.19
CA LYS A 35 -9.37 1.63 -7.51
C LYS A 35 -9.23 3.05 -6.98
N LEU A 36 -8.09 3.37 -6.46
CA LEU A 36 -7.88 4.73 -5.91
C LEU A 36 -7.80 5.79 -7.02
N LEU A 37 -6.90 5.59 -7.95
CA LEU A 37 -6.76 6.59 -9.06
C LEU A 37 -6.55 5.90 -10.40
N GLY A 38 -7.10 6.46 -11.43
CA GLY A 38 -6.95 5.87 -12.78
C GLY A 38 -5.48 5.83 -13.19
N HIS A 39 -4.80 4.78 -12.82
CA HIS A 39 -3.37 4.68 -13.16
C HIS A 39 -3.19 3.84 -14.44
N GLN A 40 -2.47 4.38 -15.38
CA GLN A 40 -2.25 3.63 -16.65
C GLN A 40 -1.50 2.33 -16.38
N VAL A 41 -1.31 1.57 -17.42
CA VAL A 41 -0.59 0.28 -17.25
C VAL A 41 0.88 0.52 -16.98
N GLY A 42 1.56 -0.49 -16.51
CA GLY A 42 3.01 -0.35 -16.21
C GLY A 42 3.41 -1.25 -15.06
N HIS A 43 3.62 -2.50 -15.35
CA HIS A 43 4.02 -3.45 -14.28
C HIS A 43 5.28 -2.98 -13.59
N ARG A 44 6.37 -2.99 -14.30
CA ARG A 44 7.64 -2.54 -13.68
C ARG A 44 7.44 -1.26 -12.89
N ASP A 45 6.66 -0.36 -13.43
CA ASP A 45 6.41 0.91 -12.72
C ASP A 45 5.84 0.67 -11.33
N ILE A 46 4.62 0.20 -11.28
CA ILE A 46 3.99 -0.07 -9.96
C ILE A 46 4.94 -0.84 -9.07
N GLU A 47 5.39 -1.98 -9.55
CA GLU A 47 6.32 -2.79 -8.73
C GLU A 47 7.41 -1.91 -8.15
N GLU A 48 7.96 -1.05 -8.97
CA GLU A 48 9.02 -0.15 -8.47
C GLU A 48 8.60 0.49 -7.17
N ILE A 49 7.39 1.01 -7.15
CA ILE A 49 6.91 1.65 -5.91
C ILE A 49 6.96 0.65 -4.76
N ILE A 50 6.31 -0.46 -4.94
CA ILE A 50 6.31 -1.48 -3.87
C ILE A 50 7.71 -1.68 -3.33
N ARG A 51 8.69 -1.41 -4.14
CA ARG A 51 10.09 -1.59 -3.69
C ARG A 51 10.65 -0.30 -3.06
N ASP A 52 10.58 0.79 -3.80
CA ASP A 52 11.11 2.07 -3.25
C ASP A 52 10.55 2.37 -1.86
N VAL A 53 9.50 1.69 -1.50
CA VAL A 53 8.91 1.93 -0.16
C VAL A 53 9.52 1.02 0.89
N ASP A 54 9.99 -0.13 0.46
CA ASP A 54 10.61 -1.08 1.42
C ASP A 54 11.86 -0.46 2.06
N LEU A 55 11.68 0.17 3.19
CA LEU A 55 12.84 0.80 3.85
C LEU A 55 13.82 -0.27 4.34
N ASN A 56 13.57 -1.50 3.98
CA ASN A 56 14.48 -2.60 4.41
C ASN A 56 14.76 -3.55 3.26
N GLY A 57 13.99 -4.61 3.18
CA GLY A 57 14.22 -5.59 2.08
C GLY A 57 13.10 -6.64 2.04
N ASP A 58 12.05 -6.37 2.77
CA ASP A 58 10.92 -7.35 2.79
C ASP A 58 10.45 -7.64 1.36
N GLY A 59 10.01 -6.61 0.67
CA GLY A 59 9.51 -6.80 -0.73
C GLY A 59 8.02 -6.42 -0.83
N ARG A 60 7.46 -6.04 0.28
CA ARG A 60 6.02 -5.66 0.27
C ARG A 60 5.75 -4.61 1.35
N VAL A 61 4.64 -3.94 1.22
CA VAL A 61 4.30 -2.89 2.22
C VAL A 61 3.52 -3.46 3.39
N ASP A 62 3.73 -2.87 4.55
CA ASP A 62 3.02 -3.33 5.78
C ASP A 62 2.34 -2.15 6.47
N PHE A 63 1.38 -2.44 7.32
CA PHE A 63 0.69 -1.33 8.02
C PHE A 63 1.69 -0.32 8.56
N GLU A 64 2.85 -0.81 8.93
CA GLU A 64 3.88 0.10 9.46
C GLU A 64 4.49 0.90 8.32
N GLU A 65 5.01 0.21 7.35
CA GLU A 65 5.62 0.91 6.21
C GLU A 65 4.56 1.71 5.46
N PHE A 66 3.36 1.19 5.49
CA PHE A 66 2.25 1.88 4.81
C PHE A 66 1.95 3.21 5.49
N VAL A 67 2.01 3.20 6.79
CA VAL A 67 1.74 4.43 7.54
C VAL A 67 2.88 5.42 7.37
N ARG A 68 4.05 4.92 7.04
CA ARG A 68 5.19 5.82 6.85
C ARG A 68 5.22 6.36 5.43
N MET A 69 4.52 5.70 4.53
CA MET A 69 4.51 6.21 3.13
C MET A 69 3.38 7.18 2.93
N MET A 70 2.38 7.09 3.79
CA MET A 70 1.23 8.00 3.64
C MET A 70 1.50 9.33 4.35
N SER A 71 1.83 9.22 5.62
CA SER A 71 2.10 10.45 6.40
C SER A 71 3.19 11.28 5.75
N ARG A 72 3.36 12.48 6.22
CA ARG A 72 4.41 13.37 5.65
C ARG A 72 4.41 13.28 4.13
CA CA B . -2.45 -9.34 1.10
CA CA C . 9.06 -3.60 3.30
N ALA A 1 4.10 9.54 11.26
CA ALA A 1 5.05 9.79 12.38
C ALA A 1 4.36 10.54 13.51
N ASP A 2 3.99 11.77 13.24
CA ASP A 2 3.31 12.57 14.29
C ASP A 2 1.92 12.02 14.58
N MET A 3 1.24 11.61 13.55
CA MET A 3 -0.13 11.07 13.74
C MET A 3 -0.07 9.69 14.39
N ILE A 4 -0.55 9.60 15.60
CA ILE A 4 -0.53 8.29 16.30
C ILE A 4 -1.84 7.54 16.08
N GLY A 5 -2.78 8.21 15.49
CA GLY A 5 -4.10 7.55 15.24
C GLY A 5 -4.01 6.61 14.04
N VAL A 6 -3.14 5.65 14.13
CA VAL A 6 -2.99 4.68 13.02
C VAL A 6 -4.32 4.02 12.70
N LYS A 7 -5.15 3.87 13.69
CA LYS A 7 -6.46 3.23 13.44
C LYS A 7 -7.09 3.78 12.16
N GLU A 8 -7.04 5.08 12.00
CA GLU A 8 -7.61 5.65 10.78
C GLU A 8 -7.07 4.91 9.57
N LEU A 9 -5.77 4.74 9.54
CA LEU A 9 -5.17 4.03 8.40
C LEU A 9 -5.80 2.66 8.29
N ARG A 10 -6.17 2.10 9.42
CA ARG A 10 -6.80 0.77 9.38
C ARG A 10 -7.94 0.84 8.38
N ASP A 11 -8.64 1.94 8.41
CA ASP A 11 -9.77 2.09 7.47
C ASP A 11 -9.22 2.03 6.06
N ALA A 12 -8.18 2.79 5.83
CA ALA A 12 -7.56 2.79 4.49
C ALA A 12 -7.13 1.38 4.17
N PHE A 13 -6.30 0.86 5.03
CA PHE A 13 -5.79 -0.52 4.85
C PHE A 13 -6.93 -1.44 4.40
N ARG A 14 -8.08 -1.23 4.97
CA ARG A 14 -9.24 -2.09 4.59
C ARG A 14 -9.62 -1.82 3.14
N GLU A 15 -10.01 -0.61 2.85
CA GLU A 15 -10.39 -0.30 1.45
C GLU A 15 -9.26 -0.70 0.53
N PHE A 16 -8.11 -0.87 1.11
CA PHE A 16 -6.92 -1.26 0.31
C PHE A 16 -7.01 -2.73 -0.06
N ASP A 17 -6.87 -3.56 0.92
CA ASP A 17 -6.94 -5.02 0.67
C ASP A 17 -8.38 -5.48 0.51
N THR A 18 -8.76 -5.80 -0.70
CA THR A 18 -10.14 -6.26 -0.92
C THR A 18 -10.31 -7.70 -0.48
N ASN A 19 -9.30 -8.20 0.21
CA ASN A 19 -9.35 -9.59 0.69
C ASN A 19 -9.09 -9.65 2.21
N GLY A 20 -8.36 -8.69 2.70
CA GLY A 20 -8.06 -8.66 4.15
C GLY A 20 -7.08 -9.77 4.52
N ASP A 21 -5.95 -9.75 3.86
CA ASP A 21 -4.93 -10.79 4.14
C ASP A 21 -4.01 -10.34 5.26
N GLY A 22 -3.69 -9.08 5.25
CA GLY A 22 -2.80 -8.53 6.31
C GLY A 22 -1.83 -7.50 5.71
N GLU A 23 -1.49 -7.68 4.46
CA GLU A 23 -0.56 -6.71 3.81
C GLU A 23 -0.83 -6.61 2.32
N ILE A 24 -0.49 -5.47 1.75
CA ILE A 24 -0.72 -5.29 0.31
C ILE A 24 0.49 -5.76 -0.48
N SER A 25 0.31 -6.84 -1.20
CA SER A 25 1.44 -7.36 -2.01
C SER A 25 1.48 -6.74 -3.39
N THR A 26 2.61 -6.81 -4.03
CA THR A 26 2.73 -6.24 -5.39
C THR A 26 1.47 -6.44 -6.20
N SER A 27 1.18 -7.67 -6.52
CA SER A 27 -0.04 -7.94 -7.31
C SER A 27 -1.22 -7.21 -6.69
N GLU A 28 -1.36 -7.37 -5.40
CA GLU A 28 -2.48 -6.71 -4.71
C GLU A 28 -2.32 -5.21 -4.79
N LEU A 29 -1.09 -4.76 -4.95
CA LEU A 29 -0.88 -3.30 -5.04
C LEU A 29 -1.56 -2.76 -6.27
N ARG A 30 -1.10 -3.23 -7.42
CA ARG A 30 -1.70 -2.76 -8.68
C ARG A 30 -3.20 -2.73 -8.55
N GLU A 31 -3.75 -3.78 -8.01
CA GLU A 31 -5.22 -3.81 -7.85
C GLU A 31 -5.67 -2.57 -7.10
N ALA A 32 -4.90 -2.20 -6.11
CA ALA A 32 -5.27 -1.01 -5.33
C ALA A 32 -5.04 0.23 -6.17
N MET A 33 -3.83 0.42 -6.61
CA MET A 33 -3.54 1.61 -7.44
C MET A 33 -4.35 1.57 -8.73
N ARG A 34 -4.84 0.40 -9.08
CA ARG A 34 -5.65 0.30 -10.32
C ARG A 34 -7.06 0.79 -10.10
N LYS A 35 -7.63 0.45 -8.97
CA LYS A 35 -9.01 0.89 -8.68
C LYS A 35 -9.08 2.42 -8.59
N LEU A 36 -7.95 3.03 -8.34
CA LEU A 36 -7.94 4.51 -8.23
C LEU A 36 -7.37 5.16 -9.50
N LEU A 37 -6.29 4.61 -9.99
CA LEU A 37 -5.68 5.18 -11.22
C LEU A 37 -5.05 4.08 -12.07
N GLY A 38 -3.95 4.40 -12.72
CA GLY A 38 -3.26 3.37 -13.57
C GLY A 38 -3.48 3.69 -15.06
N HIS A 39 -2.69 3.06 -15.89
CA HIS A 39 -2.84 3.30 -17.35
C HIS A 39 -2.44 2.06 -18.15
N GLN A 40 -1.58 2.25 -19.11
CA GLN A 40 -1.14 1.10 -19.94
C GLN A 40 -0.57 -0.01 -19.07
N VAL A 41 -0.14 -1.07 -19.69
CA VAL A 41 0.42 -2.20 -18.92
C VAL A 41 1.91 -1.97 -18.65
N GLY A 42 2.45 -2.75 -17.75
CA GLY A 42 3.89 -2.58 -17.42
C GLY A 42 4.17 -3.00 -15.97
N HIS A 43 4.09 -4.27 -15.71
CA HIS A 43 4.34 -4.76 -14.33
C HIS A 43 5.60 -4.11 -13.77
N ARG A 44 6.53 -3.81 -14.64
CA ARG A 44 7.78 -3.18 -14.17
C ARG A 44 7.50 -1.82 -13.55
N ASP A 45 6.40 -1.23 -13.93
CA ASP A 45 6.06 0.11 -13.38
C ASP A 45 5.71 0.02 -11.90
N ILE A 46 4.58 -0.56 -11.62
CA ILE A 46 4.16 -0.69 -10.20
C ILE A 46 5.29 -1.22 -9.33
N GLU A 47 5.90 -2.29 -9.76
CA GLU A 47 7.02 -2.86 -8.96
C GLU A 47 8.03 -1.79 -8.62
N GLU A 48 8.48 -1.08 -9.62
CA GLU A 48 9.47 -0.01 -9.36
C GLU A 48 9.00 0.91 -8.25
N ILE A 49 7.76 1.34 -8.34
CA ILE A 49 7.23 2.25 -7.28
C ILE A 49 7.32 1.58 -5.91
N ILE A 50 6.92 0.34 -5.85
CA ILE A 50 6.97 -0.37 -4.55
C ILE A 50 8.41 -0.55 -4.07
N ARG A 51 9.32 -0.56 -5.01
CA ARG A 51 10.75 -0.73 -4.63
C ARG A 51 11.30 0.54 -3.97
N ASP A 52 10.81 1.67 -4.40
CA ASP A 52 11.30 2.95 -3.82
C ASP A 52 10.66 3.21 -2.45
N VAL A 53 9.37 3.07 -2.38
CA VAL A 53 8.69 3.32 -1.08
C VAL A 53 9.20 2.38 0.01
N ASP A 54 9.25 1.11 -0.31
CA ASP A 54 9.75 0.14 0.70
C ASP A 54 11.11 0.57 1.23
N LEU A 55 11.25 0.53 2.53
CA LEU A 55 12.54 0.92 3.13
C LEU A 55 13.55 -0.21 3.05
N ASN A 56 13.19 -1.35 3.58
CA ASN A 56 14.11 -2.50 3.54
C ASN A 56 14.33 -2.98 2.11
N GLY A 57 13.45 -3.81 1.63
CA GLY A 57 13.59 -4.32 0.25
C GLY A 57 12.74 -5.57 0.05
N ASP A 58 11.67 -5.66 0.81
CA ASP A 58 10.79 -6.84 0.67
C ASP A 58 9.94 -6.74 -0.59
N GLY A 59 9.56 -5.54 -0.94
CA GLY A 59 8.73 -5.36 -2.15
C GLY A 59 7.24 -5.40 -1.79
N ARG A 60 6.94 -5.08 -0.56
CA ARG A 60 5.53 -5.09 -0.13
C ARG A 60 5.29 -4.08 0.98
N VAL A 61 4.05 -3.71 1.17
CA VAL A 61 3.72 -2.72 2.24
C VAL A 61 2.86 -3.33 3.33
N ASP A 62 3.13 -2.94 4.55
CA ASP A 62 2.35 -3.47 5.71
C ASP A 62 1.85 -2.30 6.55
N PHE A 63 0.85 -2.54 7.35
CA PHE A 63 0.29 -1.45 8.21
C PHE A 63 1.40 -0.53 8.70
N GLU A 64 2.54 -1.10 8.99
CA GLU A 64 3.66 -0.23 9.47
C GLU A 64 4.17 0.59 8.32
N GLU A 65 4.66 -0.07 7.30
CA GLU A 65 5.18 0.69 6.14
C GLU A 65 4.06 1.56 5.59
N PHE A 66 2.85 1.04 5.71
CA PHE A 66 1.69 1.80 5.21
C PHE A 66 1.69 3.18 5.84
N VAL A 67 1.99 3.21 7.10
CA VAL A 67 2.02 4.49 7.83
C VAL A 67 3.19 5.33 7.33
N ARG A 68 4.24 4.67 6.91
CA ARG A 68 5.42 5.40 6.42
C ARG A 68 5.18 5.93 5.01
N MET A 69 4.31 5.28 4.29
CA MET A 69 4.02 5.73 2.91
C MET A 69 3.15 6.97 2.91
N MET A 70 2.27 7.06 3.88
CA MET A 70 1.38 8.24 3.95
C MET A 70 2.19 9.52 4.14
N SER A 71 3.17 9.45 4.99
CA SER A 71 4.00 10.66 5.24
C SER A 71 4.93 10.92 4.06
N ARG A 72 5.70 11.96 4.15
CA ARG A 72 6.64 12.28 3.04
C ARG A 72 7.83 13.07 3.55
CA CA B . -3.61 -8.92 0.81
CA CA C . 8.87 -3.45 2.53
N ALA A 1 -16.54 10.58 13.77
CA ALA A 1 -15.15 10.70 13.28
C ALA A 1 -14.24 11.29 14.35
N ASP A 2 -14.72 11.33 15.55
CA ASP A 2 -13.90 11.89 16.65
C ASP A 2 -12.71 10.98 16.96
N MET A 3 -12.43 10.08 16.05
CA MET A 3 -11.28 9.15 16.25
C MET A 3 -10.30 9.25 15.10
N ILE A 4 -9.33 10.12 15.23
CA ILE A 4 -8.33 10.27 14.15
C ILE A 4 -7.07 9.45 14.43
N GLY A 5 -7.18 8.55 15.37
CA GLY A 5 -6.00 7.70 15.71
C GLY A 5 -5.45 7.02 14.45
N VAL A 6 -4.19 6.66 14.50
CA VAL A 6 -3.56 6.01 13.32
C VAL A 6 -4.50 4.96 12.75
N LYS A 7 -5.36 4.44 13.57
CA LYS A 7 -6.30 3.42 13.08
C LYS A 7 -6.93 3.87 11.77
N GLU A 8 -7.20 5.16 11.66
CA GLU A 8 -7.81 5.63 10.39
C GLU A 8 -6.98 5.10 9.25
N LEU A 9 -5.69 5.27 9.37
CA LEU A 9 -4.81 4.77 8.32
C LEU A 9 -5.17 3.34 8.05
N ARG A 10 -5.56 2.66 9.10
CA ARG A 10 -5.96 1.24 8.94
C ARG A 10 -7.17 1.16 8.03
N ASP A 11 -8.06 2.11 8.18
CA ASP A 11 -9.26 2.08 7.32
C ASP A 11 -8.81 1.90 5.89
N ALA A 12 -7.85 2.70 5.50
CA ALA A 12 -7.35 2.57 4.11
C ALA A 12 -6.81 1.16 3.92
N PHE A 13 -5.88 0.82 4.77
CA PHE A 13 -5.28 -0.53 4.69
C PHE A 13 -6.37 -1.58 4.43
N ARG A 14 -7.54 -1.34 4.96
CA ARG A 14 -8.65 -2.30 4.75
C ARG A 14 -9.06 -2.30 3.29
N GLU A 15 -9.60 -1.20 2.83
CA GLU A 15 -10.01 -1.14 1.41
C GLU A 15 -8.87 -1.62 0.53
N PHE A 16 -7.67 -1.37 1.01
CA PHE A 16 -6.48 -1.80 0.24
C PHE A 16 -6.53 -3.30 -0.01
N ASP A 17 -6.77 -4.03 1.04
CA ASP A 17 -6.84 -5.50 0.91
C ASP A 17 -8.28 -5.96 0.76
N THR A 18 -8.72 -6.12 -0.46
CA THR A 18 -10.10 -6.56 -0.68
C THR A 18 -10.29 -8.00 -0.17
N ASN A 19 -9.49 -8.37 0.79
CA ASN A 19 -9.60 -9.74 1.35
C ASN A 19 -9.39 -9.73 2.86
N GLY A 20 -8.18 -10.02 3.26
CA GLY A 20 -7.89 -10.03 4.73
C GLY A 20 -6.49 -10.59 4.99
N ASP A 21 -5.56 -10.25 4.13
CA ASP A 21 -4.18 -10.76 4.32
C ASP A 21 -3.41 -9.89 5.30
N GLY A 22 -3.75 -8.64 5.35
CA GLY A 22 -3.04 -7.72 6.28
C GLY A 22 -1.81 -7.13 5.61
N GLU A 23 -1.66 -7.41 4.35
CA GLU A 23 -0.48 -6.87 3.62
C GLU A 23 -0.81 -6.66 2.15
N ILE A 24 -0.44 -5.52 1.63
CA ILE A 24 -0.72 -5.26 0.21
C ILE A 24 0.42 -5.78 -0.65
N SER A 25 0.15 -6.81 -1.41
CA SER A 25 1.19 -7.38 -2.28
C SER A 25 1.20 -6.71 -3.64
N THR A 26 2.33 -6.74 -4.31
CA THR A 26 2.39 -6.09 -5.63
C THR A 26 1.15 -6.46 -6.45
N SER A 27 0.95 -7.73 -6.63
CA SER A 27 -0.23 -8.15 -7.41
C SER A 27 -1.45 -7.41 -6.88
N GLU A 28 -1.58 -7.39 -5.59
CA GLU A 28 -2.73 -6.71 -4.97
C GLU A 28 -2.59 -5.20 -5.16
N LEU A 29 -1.39 -4.70 -5.04
CA LEU A 29 -1.19 -3.25 -5.22
C LEU A 29 -1.77 -2.82 -6.54
N ARG A 30 -1.23 -3.40 -7.58
CA ARG A 30 -1.70 -3.05 -8.93
C ARG A 30 -3.22 -3.03 -8.95
N GLU A 31 -3.80 -4.09 -8.46
CA GLU A 31 -5.28 -4.14 -8.43
C GLU A 31 -5.80 -3.03 -7.54
N ALA A 32 -5.03 -2.72 -6.52
CA ALA A 32 -5.45 -1.65 -5.59
C ALA A 32 -5.28 -0.30 -6.26
N MET A 33 -4.10 -0.04 -6.75
CA MET A 33 -3.86 1.26 -7.41
C MET A 33 -4.77 1.41 -8.63
N ARG A 34 -5.33 0.31 -9.06
CA ARG A 34 -6.23 0.37 -10.24
C ARG A 34 -7.67 0.59 -9.80
N LYS A 35 -7.96 0.23 -8.58
CA LYS A 35 -9.34 0.41 -8.07
C LYS A 35 -9.58 1.86 -7.67
N LEU A 36 -8.57 2.47 -7.11
CA LEU A 36 -8.71 3.88 -6.68
C LEU A 36 -8.55 4.83 -7.87
N LEU A 37 -8.10 4.29 -8.96
CA LEU A 37 -7.91 5.14 -10.16
C LEU A 37 -7.56 4.29 -11.38
N GLY A 38 -7.65 4.88 -12.54
CA GLY A 38 -7.33 4.09 -13.77
C GLY A 38 -6.69 5.01 -14.82
N HIS A 39 -5.86 4.44 -15.64
CA HIS A 39 -5.20 5.24 -16.69
C HIS A 39 -4.50 4.34 -17.70
N GLN A 40 -3.21 4.20 -17.55
CA GLN A 40 -2.46 3.35 -18.49
C GLN A 40 -0.96 3.31 -18.11
N VAL A 41 -0.68 2.63 -17.03
CA VAL A 41 0.74 2.53 -16.57
C VAL A 41 1.30 1.13 -16.82
N GLY A 42 2.28 0.75 -16.04
CA GLY A 42 2.87 -0.61 -16.23
C GLY A 42 3.46 -1.11 -14.91
N HIS A 43 3.64 -2.39 -14.82
CA HIS A 43 4.20 -2.97 -13.57
C HIS A 43 5.55 -2.33 -13.25
N ARG A 44 6.07 -1.59 -14.19
CA ARG A 44 7.39 -0.93 -13.95
C ARG A 44 7.26 0.20 -12.93
N ASP A 45 6.27 1.03 -13.11
CA ASP A 45 6.06 2.16 -12.18
C ASP A 45 5.53 1.67 -10.84
N ILE A 46 4.56 0.79 -10.89
CA ILE A 46 3.99 0.27 -9.62
C ILE A 46 5.06 -0.40 -8.76
N GLU A 47 5.73 -1.37 -9.34
CA GLU A 47 6.79 -2.06 -8.56
C GLU A 47 7.78 -1.07 -7.99
N GLU A 48 8.19 -0.13 -8.81
CA GLU A 48 9.16 0.88 -8.34
C GLU A 48 8.69 1.52 -7.05
N ILE A 49 7.40 1.76 -6.96
CA ILE A 49 6.86 2.38 -5.73
C ILE A 49 6.89 1.40 -4.56
N ILE A 50 6.62 0.16 -4.86
CA ILE A 50 6.61 -0.86 -3.78
C ILE A 50 8.04 -1.27 -3.42
N ARG A 51 8.95 -1.02 -4.32
CA ARG A 51 10.36 -1.38 -4.06
C ARG A 51 11.11 -0.24 -3.35
N ASP A 52 10.61 0.95 -3.50
CA ASP A 52 11.28 2.10 -2.84
C ASP A 52 10.91 2.18 -1.36
N VAL A 53 9.76 1.64 -1.02
CA VAL A 53 9.35 1.68 0.40
C VAL A 53 9.81 0.44 1.15
N ASP A 54 10.11 -0.60 0.42
CA ASP A 54 10.57 -1.84 1.08
C ASP A 54 11.72 -1.55 2.03
N LEU A 55 12.01 -2.49 2.88
CA LEU A 55 13.12 -2.29 3.85
C LEU A 55 13.62 -3.63 4.37
N ASN A 56 12.71 -4.52 4.65
CA ASN A 56 13.11 -5.85 5.16
C ASN A 56 13.47 -6.79 4.03
N GLY A 57 13.64 -6.24 2.85
CA GLY A 57 14.00 -7.10 1.69
C GLY A 57 12.81 -7.98 1.29
N ASP A 58 11.63 -7.42 1.35
CA ASP A 58 10.43 -8.22 0.99
C ASP A 58 10.01 -7.92 -0.45
N GLY A 59 9.27 -6.86 -0.63
CA GLY A 59 8.80 -6.49 -2.00
C GLY A 59 7.32 -6.10 -1.97
N ARG A 60 6.83 -5.86 -0.79
CA ARG A 60 5.40 -5.47 -0.66
C ARG A 60 5.21 -4.46 0.48
N VAL A 61 4.11 -3.76 0.45
CA VAL A 61 3.85 -2.76 1.52
C VAL A 61 3.08 -3.35 2.69
N ASP A 62 3.44 -2.91 3.87
CA ASP A 62 2.75 -3.41 5.10
C ASP A 62 2.21 -2.22 5.89
N PHE A 63 1.26 -2.48 6.76
CA PHE A 63 0.67 -1.37 7.56
C PHE A 63 1.75 -0.40 8.03
N GLU A 64 2.83 -0.93 8.53
CA GLU A 64 3.92 -0.03 9.01
C GLU A 64 4.51 0.74 7.83
N GLU A 65 5.03 0.02 6.87
CA GLU A 65 5.61 0.71 5.69
C GLU A 65 4.55 1.56 5.01
N PHE A 66 3.33 1.13 5.12
CA PHE A 66 2.22 1.87 4.48
C PHE A 66 1.91 3.14 5.28
N VAL A 67 1.83 2.97 6.57
CA VAL A 67 1.53 4.14 7.43
C VAL A 67 2.69 5.14 7.41
N ARG A 68 3.89 4.64 7.23
CA ARG A 68 5.05 5.56 7.21
C ARG A 68 5.19 6.20 5.85
N MET A 69 4.66 5.55 4.83
CA MET A 69 4.79 6.14 3.47
C MET A 69 3.71 7.18 3.26
N MET A 70 2.69 7.14 4.08
CA MET A 70 1.59 8.13 3.93
C MET A 70 1.86 9.38 4.76
N SER A 71 2.65 9.22 5.80
CA SER A 71 2.96 10.38 6.68
C SER A 71 4.38 10.90 6.44
N ARG A 72 4.80 11.82 7.28
CA ARG A 72 6.16 12.40 7.14
C ARG A 72 7.21 11.43 7.65
CA CA B . -4.15 -7.89 1.03
CA CA C . 8.01 -5.06 3.05
#